data_9JXW
#
_entry.id   9JXW
#
_cell.length_a   86.929
_cell.length_b   95.623
_cell.length_c   108.822
_cell.angle_alpha   90.00
_cell.angle_beta   90.00
_cell.angle_gamma   90.00
#
_symmetry.space_group_name_H-M   'P 21 21 21'
#
_entity_poly.entity_id   1
_entity_poly.type   'polypeptide(L)'
_entity_poly.pdbx_seq_one_letter_code
;MLILATLGSDKSVTTINAILTEIFTGLNPNKIIIFREDPQKKDIKGMEKALEYLGVNTLIEEKVIGEGIKLWREKIRNEE
IDIFDITPGRKYMALSATYYSRAEEIRYVYLKDEREGYNIFGYVPFEQLKVINVRIGDEIPYDPPLTQNVNEAESLLDVD
SLRAFINILGLHGKVEINGIDLENPDQVEEICLFRSGKYKYEEEKDIIKEAERGSLFLADTNVYIRLGNRLRSLVYNRKY
GFRLLSSKNTFNELYNHTAQDTQKIDENKVKFILGMLSYRSLHVPPITSQVRSSGDMGLINEALEIKKNVEDNVVLITAD
KALGLTAQSKGLRTIILSKVRKEIGEWDIGELLFCLSFYNDYRNGIRRMIEISLNGSKIAELHSYYHLQERRVKVRVVDK
RYNYPKILEILSEILATADQAAAHHHHHH
;
_entity_poly.pdbx_strand_id   A,B
#
# COMPACT_ATOMS: atom_id res chain seq x y z
N MET A 1 18.91 30.88 -22.39
CA MET A 1 18.55 29.48 -22.19
C MET A 1 17.43 29.35 -21.16
N LEU A 2 16.56 28.37 -21.35
CA LEU A 2 15.47 28.09 -20.44
C LEU A 2 15.76 26.77 -19.73
N ILE A 3 15.77 26.81 -18.40
CA ILE A 3 16.17 25.68 -17.57
C ILE A 3 14.99 25.28 -16.71
N LEU A 4 14.66 23.98 -16.75
CA LEU A 4 13.58 23.41 -15.95
C LEU A 4 14.17 22.39 -14.99
N ALA A 5 13.78 22.46 -13.73
CA ALA A 5 14.27 21.55 -12.71
C ALA A 5 13.10 20.87 -12.02
N THR A 6 13.29 19.60 -11.67
CA THR A 6 12.29 18.83 -10.94
C THR A 6 13.02 17.89 -9.99
N LEU A 7 12.25 17.13 -9.22
CA LEU A 7 12.78 16.25 -8.20
C LEU A 7 12.58 14.79 -8.60
N GLY A 8 13.56 13.96 -8.27
CA GLY A 8 13.47 12.55 -8.54
C GLY A 8 12.84 11.78 -7.41
N SER A 9 12.21 10.65 -7.75
CA SER A 9 11.52 9.81 -6.79
C SER A 9 11.71 8.35 -7.15
N ASP A 10 11.37 7.48 -6.21
CA ASP A 10 11.43 6.04 -6.47
C ASP A 10 10.46 5.65 -7.57
N LYS A 11 9.25 6.21 -7.54
CA LYS A 11 8.30 6.05 -8.63
C LYS A 11 8.56 7.17 -9.63
N SER A 12 9.32 6.86 -10.68
CA SER A 12 9.70 7.86 -11.68
C SER A 12 8.51 8.38 -12.47
N VAL A 13 7.35 7.72 -12.38
CA VAL A 13 6.18 8.19 -13.12
C VAL A 13 5.73 9.55 -12.60
N THR A 14 5.87 9.78 -11.30
CA THR A 14 5.52 11.10 -10.75
C THR A 14 6.41 12.19 -11.32
N THR A 15 7.71 11.92 -11.43
CA THR A 15 8.62 12.88 -12.06
C THR A 15 8.29 13.06 -13.53
N ILE A 16 7.96 11.97 -14.23
CA ILE A 16 7.61 12.05 -15.65
C ILE A 16 6.36 12.88 -15.86
N ASN A 17 5.32 12.63 -15.05
CA ASN A 17 4.08 13.36 -15.20
C ASN A 17 4.24 14.83 -14.84
N ALA A 18 5.13 15.14 -13.89
CA ALA A 18 5.40 16.54 -13.55
C ALA A 18 6.01 17.29 -14.72
N ILE A 19 6.95 16.67 -15.42
CA ILE A 19 7.58 17.32 -16.57
C ILE A 19 6.56 17.51 -17.69
N LEU A 20 5.76 16.49 -17.98
CA LEU A 20 4.78 16.59 -19.06
C LEU A 20 3.71 17.62 -18.75
N THR A 21 3.31 17.72 -17.48
CA THR A 21 2.38 18.77 -17.08
C THR A 21 2.99 20.14 -17.31
N GLU A 22 4.29 20.29 -17.04
CA GLU A 22 4.97 21.54 -17.35
C GLU A 22 5.06 21.77 -18.85
N ILE A 23 5.22 20.70 -19.63
CA ILE A 23 5.25 20.87 -21.08
C ILE A 23 3.90 21.33 -21.60
N PHE A 24 2.81 20.74 -21.08
CA PHE A 24 1.48 21.05 -21.56
C PHE A 24 0.96 22.39 -21.06
N THR A 25 1.66 23.03 -20.13
CA THR A 25 1.30 24.39 -19.72
C THR A 25 2.07 25.45 -20.50
N GLY A 26 2.78 25.04 -21.56
CA GLY A 26 3.46 25.97 -22.46
C GLY A 26 4.96 25.95 -22.38
N LEU A 27 5.55 25.35 -21.35
CA LEU A 27 7.00 25.40 -21.18
C LEU A 27 7.73 24.65 -22.28
N ASN A 28 8.80 25.25 -22.80
CA ASN A 28 9.67 24.65 -23.81
C ASN A 28 11.10 24.79 -23.30
N PRO A 29 11.49 23.98 -22.31
CA PRO A 29 12.82 24.14 -21.73
C PRO A 29 13.91 23.69 -22.68
N ASN A 30 15.06 24.36 -22.60
CA ASN A 30 16.24 23.92 -23.32
C ASN A 30 17.01 22.83 -22.60
N LYS A 31 16.84 22.71 -21.29
CA LYS A 31 17.54 21.71 -20.50
C LYS A 31 16.69 21.37 -19.28
N ILE A 32 16.59 20.08 -18.98
CA ILE A 32 15.79 19.60 -17.85
C ILE A 32 16.73 18.88 -16.88
N ILE A 33 16.71 19.29 -15.61
CA ILE A 33 17.57 18.74 -14.58
C ILE A 33 16.70 18.11 -13.50
N ILE A 34 17.00 16.85 -13.17
CA ILE A 34 16.27 16.11 -12.14
C ILE A 34 17.19 15.93 -10.95
N PHE A 35 16.85 16.55 -9.83
CA PHE A 35 17.62 16.43 -8.59
C PHE A 35 17.09 15.25 -7.79
N ARG A 36 17.97 14.29 -7.49
CA ARG A 36 17.60 13.11 -6.71
C ARG A 36 18.60 12.88 -5.59
N GLU A 37 18.10 12.34 -4.48
CA GLU A 37 18.93 12.07 -3.31
C GLU A 37 19.81 10.84 -3.49
N ASP A 38 19.39 9.88 -4.30
CA ASP A 38 20.08 8.62 -4.50
C ASP A 38 20.31 8.39 -5.99
N PRO A 39 21.30 7.57 -6.34
CA PRO A 39 21.52 7.25 -7.75
C PRO A 39 20.31 6.58 -8.37
N GLN A 40 20.14 6.79 -9.68
CA GLN A 40 18.93 6.35 -10.38
C GLN A 40 18.77 4.84 -10.31
N LYS A 41 19.84 4.10 -10.61
CA LYS A 41 19.86 2.64 -10.58
C LYS A 41 18.89 2.00 -11.58
N LYS A 42 18.17 2.82 -12.36
CA LYS A 42 17.24 2.30 -13.36
C LYS A 42 17.23 3.28 -14.53
N ASP A 43 18.00 2.97 -15.55
CA ASP A 43 18.13 3.85 -16.71
C ASP A 43 16.80 3.99 -17.44
N ILE A 44 16.42 5.23 -17.71
CA ILE A 44 15.19 5.55 -18.43
C ILE A 44 15.57 6.11 -19.80
N LYS A 45 15.01 5.52 -20.85
CA LYS A 45 15.33 5.89 -22.22
C LYS A 45 14.04 6.16 -22.97
N GLY A 46 14.13 6.97 -24.02
CA GLY A 46 12.99 7.32 -24.83
C GLY A 46 12.29 8.57 -24.40
N MET A 47 12.60 9.10 -23.21
CA MET A 47 11.97 10.32 -22.74
C MET A 47 12.34 11.51 -23.60
N GLU A 48 13.61 11.57 -24.04
CA GLU A 48 14.04 12.67 -24.91
C GLU A 48 13.29 12.67 -26.23
N LYS A 49 13.07 11.47 -26.81
CA LYS A 49 12.33 11.37 -28.06
C LYS A 49 10.87 11.80 -27.87
N ALA A 50 10.26 11.44 -26.74
CA ALA A 50 8.90 11.84 -26.48
C ALA A 50 8.76 13.35 -26.42
N LEU A 51 9.73 14.03 -25.79
CA LEU A 51 9.71 15.49 -25.78
C LEU A 51 9.93 16.08 -27.16
N GLU A 52 10.69 15.38 -28.02
CA GLU A 52 10.87 15.84 -29.39
C GLU A 52 9.54 15.85 -30.14
N TYR A 53 8.71 14.84 -29.92
CA TYR A 53 7.42 14.77 -30.60
C TYR A 53 6.49 15.92 -30.23
N LEU A 54 6.75 16.59 -29.10
CA LEU A 54 5.97 17.73 -28.67
C LEU A 54 6.66 19.06 -28.97
N GLY A 55 7.62 19.06 -29.88
CA GLY A 55 8.31 20.28 -30.25
C GLY A 55 9.27 20.81 -29.20
N VAL A 56 9.89 19.92 -28.42
CA VAL A 56 10.87 20.31 -27.41
C VAL A 56 12.14 19.53 -27.62
N ASN A 57 13.22 20.22 -27.94
CA ASN A 57 14.56 19.62 -28.07
C ASN A 57 15.33 20.06 -26.83
N THR A 58 15.30 19.22 -25.80
CA THR A 58 15.85 19.54 -24.50
C THR A 58 16.82 18.46 -24.05
N LEU A 59 17.69 18.82 -23.11
CA LEU A 59 18.62 17.90 -22.50
C LEU A 59 18.10 17.49 -21.13
N ILE A 60 18.09 16.18 -20.86
CA ILE A 60 17.60 15.63 -19.61
C ILE A 60 18.81 15.12 -18.83
N GLU A 61 19.08 15.73 -17.69
CA GLU A 61 20.25 15.42 -16.89
C GLU A 61 19.83 15.00 -15.49
N GLU A 62 20.44 13.93 -14.99
CA GLU A 62 20.18 13.44 -13.65
C GLU A 62 21.32 13.90 -12.74
N LYS A 63 20.99 14.72 -11.74
CA LYS A 63 21.97 15.24 -10.79
C LYS A 63 21.66 14.67 -9.41
N VAL A 64 22.43 13.68 -9.00
CA VAL A 64 22.28 13.09 -7.67
C VAL A 64 22.92 14.02 -6.65
N ILE A 65 22.12 14.53 -5.72
CA ILE A 65 22.61 15.47 -4.71
C ILE A 65 23.11 14.75 -3.46
N GLY A 66 22.29 13.87 -2.90
CA GLY A 66 22.62 13.15 -1.69
C GLY A 66 21.48 13.19 -0.70
N GLU A 67 21.70 12.53 0.44
CA GLU A 67 20.71 12.44 1.51
C GLU A 67 21.06 13.40 2.64
N GLY A 68 20.08 14.15 3.10
CA GLY A 68 20.29 15.09 4.17
C GLY A 68 19.79 16.48 3.83
N ILE A 69 19.56 17.31 4.83
CA ILE A 69 19.10 18.68 4.60
C ILE A 69 20.29 19.62 4.40
N LYS A 70 21.29 19.50 5.27
CA LYS A 70 22.49 20.32 5.11
C LYS A 70 23.22 20.01 3.80
N LEU A 71 23.19 18.75 3.35
CA LEU A 71 23.78 18.40 2.07
C LEU A 71 23.03 19.05 0.92
N TRP A 72 21.70 19.05 0.97
CA TRP A 72 20.90 19.71 -0.06
C TRP A 72 20.98 21.22 0.05
N ARG A 73 21.47 21.74 1.18
CA ARG A 73 21.58 23.18 1.35
C ARG A 73 22.55 23.79 0.34
N GLU A 74 23.66 23.10 0.06
CA GLU A 74 24.74 23.64 -0.73
C GLU A 74 24.65 23.28 -2.21
N LYS A 75 24.39 22.01 -2.52
CA LYS A 75 24.50 21.51 -3.88
C LYS A 75 23.31 21.89 -4.77
N ILE A 76 22.26 22.48 -4.20
CA ILE A 76 21.12 22.93 -4.98
C ILE A 76 21.30 24.34 -5.53
N ARG A 77 22.34 25.05 -5.10
CA ARG A 77 22.64 26.39 -5.61
C ARG A 77 23.49 26.39 -6.87
N ASN A 78 24.01 25.23 -7.29
CA ASN A 78 24.95 25.19 -8.40
C ASN A 78 24.29 25.62 -9.71
N GLU A 79 23.06 25.21 -9.94
CA GLU A 79 22.39 25.45 -11.21
C GLU A 79 21.55 26.72 -11.16
N GLU A 80 21.55 27.46 -12.26
CA GLU A 80 20.74 28.67 -12.39
C GLU A 80 19.39 28.31 -13.03
N ILE A 81 18.56 27.65 -12.22
CA ILE A 81 17.26 27.18 -12.68
C ILE A 81 16.36 28.36 -12.99
N ASP A 82 15.60 28.24 -14.09
CA ASP A 82 14.60 29.25 -14.43
C ASP A 82 13.26 28.93 -13.78
N ILE A 83 12.72 27.74 -14.05
CA ILE A 83 11.47 27.28 -13.47
C ILE A 83 11.73 25.97 -12.75
N PHE A 84 11.30 25.87 -11.49
CA PHE A 84 11.51 24.69 -10.66
C PHE A 84 10.15 24.10 -10.30
N ASP A 85 9.96 22.82 -10.59
CA ASP A 85 8.74 22.10 -10.25
C ASP A 85 9.04 21.15 -9.10
N ILE A 86 8.22 21.21 -8.04
CA ILE A 86 8.55 20.53 -6.79
C ILE A 86 7.43 19.58 -6.36
N THR A 87 6.68 19.04 -7.32
CA THR A 87 5.59 18.14 -6.97
C THR A 87 6.07 16.72 -6.64
N PRO A 88 6.98 16.10 -7.39
CA PRO A 88 7.28 14.68 -7.17
C PRO A 88 8.28 14.40 -6.06
N GLY A 89 8.64 15.39 -5.24
CA GLY A 89 9.66 15.22 -4.23
C GLY A 89 9.12 14.61 -2.96
N ARG A 90 9.96 14.62 -1.93
CA ARG A 90 9.63 14.05 -0.62
C ARG A 90 9.70 15.13 0.46
N LYS A 91 9.01 16.24 0.23
CA LYS A 91 8.87 17.34 1.19
C LYS A 91 10.18 18.03 1.51
N TYR A 92 11.15 17.31 2.07
CA TYR A 92 12.41 17.95 2.42
C TYR A 92 13.20 18.33 1.17
N MET A 93 13.12 17.52 0.11
CA MET A 93 13.71 17.94 -1.16
C MET A 93 12.98 19.14 -1.73
N ALA A 94 11.65 19.16 -1.61
CA ALA A 94 10.89 20.31 -2.07
C ALA A 94 11.23 21.56 -1.26
N LEU A 95 11.34 21.42 0.07
CA LEU A 95 11.73 22.55 0.90
C LEU A 95 13.15 23.01 0.58
N SER A 96 14.06 22.06 0.35
CA SER A 96 15.41 22.40 -0.05
C SER A 96 15.47 23.00 -1.45
N ALA A 97 14.39 22.89 -2.22
CA ALA A 97 14.30 23.56 -3.51
C ALA A 97 13.64 24.93 -3.40
N THR A 98 12.70 25.11 -2.48
CA THR A 98 12.15 26.43 -2.24
C THR A 98 13.18 27.35 -1.60
N TYR A 99 13.89 26.86 -0.58
CA TYR A 99 14.95 27.62 0.05
C TYR A 99 16.30 27.28 -0.58
N TYR A 100 17.22 28.25 -0.50
CA TYR A 100 18.60 28.07 -0.94
C TYR A 100 18.70 27.74 -2.43
N SER A 101 17.73 28.18 -3.23
CA SER A 101 17.76 27.98 -4.66
C SER A 101 17.49 29.30 -5.36
N ARG A 102 18.22 29.55 -6.45
CA ARG A 102 18.08 30.77 -7.23
C ARG A 102 17.11 30.62 -8.39
N ALA A 103 16.15 29.70 -8.29
CA ALA A 103 15.16 29.54 -9.34
C ALA A 103 14.28 30.77 -9.41
N GLU A 104 14.13 31.32 -10.61
CA GLU A 104 13.34 32.54 -10.78
C GLU A 104 11.86 32.30 -10.48
N GLU A 105 11.33 31.16 -10.92
CA GLU A 105 9.94 30.80 -10.67
C GLU A 105 9.86 29.38 -10.13
N ILE A 106 9.03 29.17 -9.11
CA ILE A 106 8.81 27.85 -8.53
C ILE A 106 7.31 27.58 -8.56
N ARG A 107 6.94 26.41 -9.09
CA ARG A 107 5.54 26.03 -9.24
C ARG A 107 5.36 24.59 -8.78
N TYR A 108 4.10 24.24 -8.50
CA TYR A 108 3.74 22.94 -7.94
C TYR A 108 2.40 22.49 -8.52
N VAL A 109 2.32 21.23 -8.90
CA VAL A 109 1.11 20.65 -9.46
C VAL A 109 0.29 20.04 -8.33
N TYR A 110 -0.93 20.54 -8.16
CA TYR A 110 -1.83 20.07 -7.12
C TYR A 110 -2.83 19.08 -7.71
N LEU A 111 -3.05 17.98 -7.00
CA LEU A 111 -4.07 17.01 -7.37
C LEU A 111 -5.13 16.93 -6.29
N LYS A 112 -6.39 16.84 -6.71
CA LYS A 112 -7.51 16.83 -5.77
C LYS A 112 -7.47 15.60 -4.86
N ASP A 113 -7.17 14.43 -5.42
CA ASP A 113 -7.10 13.19 -4.66
C ASP A 113 -5.70 12.62 -4.73
N GLU A 114 -5.17 12.19 -3.59
CA GLU A 114 -3.77 11.77 -3.53
C GLU A 114 -3.54 10.43 -4.21
N ARG A 115 -4.54 9.55 -4.21
CA ARG A 115 -4.37 8.20 -4.73
C ARG A 115 -4.68 8.08 -6.22
N GLU A 116 -5.34 9.06 -6.82
CA GLU A 116 -5.70 8.95 -8.24
C GLU A 116 -4.49 8.98 -9.16
N GLY A 117 -3.35 9.49 -8.68
CA GLY A 117 -2.15 9.56 -9.49
C GLY A 117 -1.44 8.22 -9.58
N TYR A 118 -0.10 8.30 -9.64
CA TYR A 118 0.76 7.12 -9.72
C TYR A 118 0.39 6.25 -10.93
N ASN A 119 0.06 6.90 -12.04
CA ASN A 119 -0.24 6.20 -13.28
C ASN A 119 0.16 7.09 -14.45
N ILE A 120 -0.21 6.68 -15.66
CA ILE A 120 0.27 7.35 -16.86
C ILE A 120 -0.24 8.79 -16.93
N PHE A 121 0.50 9.62 -17.67
CA PHE A 121 0.14 11.02 -17.81
C PHE A 121 -1.16 11.16 -18.59
N GLY A 122 -2.04 12.02 -18.10
CA GLY A 122 -3.32 12.26 -18.73
C GLY A 122 -4.43 11.35 -18.26
N TYR A 123 -4.11 10.31 -17.49
CA TYR A 123 -5.15 9.43 -16.97
C TYR A 123 -6.10 10.17 -16.04
N VAL A 124 -5.56 11.00 -15.17
CA VAL A 124 -6.38 11.86 -14.31
C VAL A 124 -6.93 13.01 -15.14
N PRO A 125 -8.22 13.33 -15.05
CA PRO A 125 -8.75 14.48 -15.80
C PRO A 125 -8.07 15.77 -15.39
N PHE A 126 -7.81 16.62 -16.39
CA PHE A 126 -7.07 17.86 -16.17
C PHE A 126 -7.84 18.90 -15.38
N GLU A 127 -9.16 18.73 -15.20
CA GLU A 127 -9.89 19.63 -14.34
C GLU A 127 -9.63 19.37 -12.86
N GLN A 128 -9.13 18.18 -12.52
CA GLN A 128 -8.83 17.82 -11.15
C GLN A 128 -7.39 18.14 -10.74
N LEU A 129 -6.51 18.42 -11.68
CA LEU A 129 -5.13 18.79 -11.38
C LEU A 129 -4.82 20.15 -12.01
N LYS A 130 -4.15 21.02 -11.25
CA LYS A 130 -3.82 22.35 -11.70
C LYS A 130 -2.43 22.74 -11.24
N VAL A 131 -1.65 23.32 -12.16
CA VAL A 131 -0.30 23.78 -11.87
C VAL A 131 -0.36 25.18 -11.28
N ILE A 132 0.30 25.38 -10.14
CA ILE A 132 0.19 26.61 -9.36
C ILE A 132 1.57 27.21 -9.18
N ASN A 133 1.71 28.49 -9.51
CA ASN A 133 2.91 29.24 -9.17
C ASN A 133 2.88 29.53 -7.68
N VAL A 134 3.64 28.75 -6.90
CA VAL A 134 3.59 28.85 -5.44
C VAL A 134 4.13 30.17 -4.92
N ARG A 135 4.88 30.92 -5.73
CA ARG A 135 5.40 32.20 -5.27
C ARG A 135 4.27 33.18 -4.98
N ILE A 136 3.27 33.24 -5.85
CA ILE A 136 2.14 34.14 -5.65
C ILE A 136 0.80 33.41 -5.62
N GLY A 137 0.78 32.11 -5.89
CA GLY A 137 -0.41 31.29 -5.66
C GLY A 137 -1.58 31.41 -6.62
N ASP A 138 -1.32 31.55 -7.92
CA ASP A 138 -2.36 31.47 -8.94
C ASP A 138 -2.16 30.23 -9.80
N GLU A 139 -3.16 29.96 -10.65
CA GLU A 139 -3.18 28.79 -11.50
C GLU A 139 -2.64 29.11 -12.88
N ILE A 140 -1.53 28.46 -13.25
CA ILE A 140 -0.95 28.66 -14.58
C ILE A 140 -1.82 27.96 -15.62
N PRO A 141 -2.30 28.67 -16.64
CA PRO A 141 -3.24 28.07 -17.58
C PRO A 141 -2.56 27.08 -18.53
N TYR A 142 -3.39 26.31 -19.20
CA TYR A 142 -2.92 25.29 -20.15
C TYR A 142 -2.92 25.84 -21.58
N ASP A 143 -1.90 25.47 -22.34
CA ASP A 143 -1.90 25.58 -23.79
C ASP A 143 -1.20 24.35 -24.34
N PRO A 144 -1.94 23.26 -24.55
CA PRO A 144 -1.32 21.98 -24.92
C PRO A 144 -0.58 22.08 -26.24
N PRO A 145 0.72 21.81 -26.25
CA PRO A 145 1.49 21.85 -27.50
C PRO A 145 1.03 20.76 -28.46
N LEU A 146 1.15 21.06 -29.75
CA LEU A 146 0.78 20.11 -30.79
C LEU A 146 1.92 19.13 -31.04
N THR A 147 1.58 17.98 -31.61
CA THR A 147 2.57 16.96 -31.90
C THR A 147 3.34 17.30 -33.17
N GLN A 148 4.63 16.98 -33.17
CA GLN A 148 5.49 17.28 -34.31
C GLN A 148 6.33 16.06 -34.68
N ASN A 149 6.74 16.02 -35.95
CA ASN A 149 7.55 14.95 -36.52
C ASN A 149 6.93 13.58 -36.33
N VAL A 150 5.59 13.52 -36.36
CA VAL A 150 4.89 12.25 -36.24
C VAL A 150 4.83 11.59 -37.62
N ASN A 151 5.31 10.35 -37.72
CA ASN A 151 5.39 9.64 -38.99
C ASN A 151 4.21 8.71 -39.22
N GLU A 152 3.93 7.82 -38.27
CA GLU A 152 2.89 6.82 -38.43
C GLU A 152 1.63 7.26 -37.68
N ALA A 153 0.50 7.24 -38.39
CA ALA A 153 -0.77 7.59 -37.76
C ALA A 153 -1.24 6.51 -36.81
N GLU A 154 -1.02 5.24 -37.17
CA GLU A 154 -1.49 4.14 -36.34
C GLU A 154 -0.60 3.97 -35.12
N SER A 155 -1.23 3.63 -33.99
CA SER A 155 -0.53 3.43 -32.73
C SER A 155 -1.30 2.42 -31.90
N LEU A 156 -0.59 1.78 -30.96
CA LEU A 156 -1.17 0.80 -30.06
C LEU A 156 -1.22 1.35 -28.65
N LEU A 157 -2.41 1.33 -28.05
CA LEU A 157 -2.61 1.85 -26.71
C LEU A 157 -3.34 0.81 -25.86
N ASP A 158 -3.00 0.79 -24.57
CA ASP A 158 -3.72 -0.03 -23.61
C ASP A 158 -4.93 0.75 -23.09
N VAL A 159 -5.59 0.21 -22.06
CA VAL A 159 -6.79 0.84 -21.53
C VAL A 159 -6.46 2.21 -20.92
N ASP A 160 -5.39 2.29 -20.13
CA ASP A 160 -5.04 3.54 -19.47
C ASP A 160 -4.63 4.60 -20.48
N SER A 161 -3.86 4.23 -21.49
CA SER A 161 -3.44 5.21 -22.50
C SER A 161 -4.62 5.74 -23.29
N LEU A 162 -5.62 4.88 -23.56
CA LEU A 162 -6.80 5.31 -24.28
C LEU A 162 -7.56 6.38 -23.49
N ARG A 163 -7.68 6.19 -22.17
CA ARG A 163 -8.29 7.24 -21.35
C ARG A 163 -7.45 8.50 -21.36
N ALA A 164 -6.12 8.35 -21.31
CA ALA A 164 -5.24 9.51 -21.36
C ALA A 164 -5.38 10.26 -22.67
N PHE A 165 -5.56 9.53 -23.79
CA PHE A 165 -5.75 10.18 -25.08
C PHE A 165 -6.99 11.05 -25.08
N ILE A 166 -8.10 10.56 -24.52
CA ILE A 166 -9.33 11.35 -24.50
C ILE A 166 -9.16 12.59 -23.62
N ASN A 167 -8.55 12.42 -22.44
CA ASN A 167 -8.39 13.55 -21.53
C ASN A 167 -7.43 14.60 -22.09
N ILE A 168 -6.34 14.16 -22.73
CA ILE A 168 -5.40 15.12 -23.32
C ILE A 168 -6.09 15.91 -24.42
N LEU A 169 -6.88 15.25 -25.26
CA LEU A 169 -7.65 15.94 -26.28
C LEU A 169 -8.67 16.89 -25.68
N GLY A 170 -9.11 16.64 -24.44
CA GLY A 170 -10.09 17.49 -23.79
C GLY A 170 -9.59 18.91 -23.56
N LEU A 171 -8.28 19.08 -23.47
CA LEU A 171 -7.72 20.43 -23.31
C LEU A 171 -7.99 21.29 -24.54
N HIS A 172 -8.03 20.69 -25.72
CA HIS A 172 -8.24 21.45 -26.94
C HIS A 172 -9.68 21.90 -27.11
N GLY A 173 -10.63 21.16 -26.56
CA GLY A 173 -12.03 21.51 -26.68
C GLY A 173 -12.92 20.32 -26.35
N LYS A 174 -14.17 20.42 -26.80
CA LYS A 174 -15.12 19.35 -26.57
C LYS A 174 -14.73 18.13 -27.39
N VAL A 175 -14.65 16.97 -26.73
CA VAL A 175 -14.27 15.71 -27.37
C VAL A 175 -15.47 14.78 -27.29
N GLU A 176 -16.07 14.52 -28.44
CA GLU A 176 -17.19 13.60 -28.56
C GLU A 176 -16.73 12.32 -29.23
N ILE A 177 -17.37 11.20 -28.85
CA ILE A 177 -17.07 9.89 -29.41
C ILE A 177 -18.25 9.50 -30.28
N ASN A 178 -18.09 9.68 -31.59
CA ASN A 178 -19.17 9.45 -32.55
C ASN A 178 -19.23 7.96 -32.94
N GLY A 179 -19.50 7.14 -31.95
CA GLY A 179 -19.67 5.71 -32.16
C GLY A 179 -20.51 5.04 -31.09
N GLU A 183 -27.08 2.73 -27.44
CA GLU A 183 -28.42 2.53 -26.90
C GLU A 183 -28.98 1.19 -27.35
N ASN A 184 -29.92 0.66 -26.55
CA ASN A 184 -30.50 -0.67 -26.74
C ASN A 184 -29.40 -1.70 -26.92
N PRO A 185 -28.72 -2.08 -25.85
CA PRO A 185 -27.58 -2.99 -25.99
C PRO A 185 -28.01 -4.43 -26.21
N ASP A 186 -27.20 -5.16 -26.98
CA ASP A 186 -27.39 -6.59 -27.15
C ASP A 186 -26.64 -7.31 -26.03
N GLN A 187 -26.54 -8.63 -26.13
CA GLN A 187 -25.91 -9.41 -25.06
C GLN A 187 -24.45 -9.03 -24.88
N VAL A 188 -23.70 -8.90 -25.99
CA VAL A 188 -22.29 -8.54 -25.89
C VAL A 188 -22.13 -7.09 -25.45
N GLU A 189 -22.99 -6.21 -25.96
CA GLU A 189 -22.91 -4.80 -25.54
C GLU A 189 -23.26 -4.64 -24.07
N GLU A 190 -24.15 -5.50 -23.54
CA GLU A 190 -24.48 -5.44 -22.12
C GLU A 190 -23.27 -5.73 -21.25
N ILE A 191 -22.52 -6.79 -21.57
CA ILE A 191 -21.35 -7.12 -20.78
C ILE A 191 -20.26 -6.06 -20.98
N CYS A 192 -20.25 -5.40 -22.14
CA CYS A 192 -19.34 -4.27 -22.33
C CYS A 192 -19.68 -3.14 -21.36
N LEU A 193 -20.97 -2.86 -21.17
CA LEU A 193 -21.38 -1.85 -20.21
C LEU A 193 -21.02 -2.27 -18.79
N PHE A 194 -21.18 -3.56 -18.47
CA PHE A 194 -20.83 -4.03 -17.14
C PHE A 194 -19.33 -3.90 -16.89
N ARG A 195 -18.52 -4.32 -17.86
CA ARG A 195 -17.06 -4.26 -17.71
C ARG A 195 -16.56 -2.83 -17.66
N SER A 196 -17.20 -1.92 -18.40
CA SER A 196 -16.74 -0.53 -18.43
C SER A 196 -17.04 0.19 -17.11
N GLY A 197 -18.07 -0.24 -16.39
CA GLY A 197 -18.50 0.44 -15.19
C GLY A 197 -19.75 1.28 -15.37
N LYS A 198 -20.21 1.49 -16.61
CA LYS A 198 -21.49 2.16 -16.81
C LYS A 198 -22.63 1.33 -16.22
N TYR A 199 -22.54 0.02 -16.31
CA TYR A 199 -23.44 -0.90 -15.63
C TYR A 199 -22.69 -1.63 -14.53
N LYS A 200 -23.34 -1.76 -13.37
CA LYS A 200 -22.79 -2.50 -12.25
C LYS A 200 -23.89 -3.40 -11.68
N TYR A 201 -23.49 -4.35 -10.85
CA TYR A 201 -24.44 -5.20 -10.14
C TYR A 201 -24.57 -4.70 -8.70
N GLU A 202 -25.81 -4.72 -8.19
CA GLU A 202 -26.05 -4.28 -6.82
C GLU A 202 -25.33 -5.16 -5.81
N GLU A 203 -25.07 -6.41 -6.17
CA GLU A 203 -24.41 -7.36 -5.27
C GLU A 203 -22.90 -7.19 -5.25
N GLU A 204 -22.35 -6.28 -6.07
CA GLU A 204 -20.93 -5.96 -5.97
C GLU A 204 -20.57 -5.39 -4.60
N LYS A 205 -21.54 -4.76 -3.93
CA LYS A 205 -21.30 -4.29 -2.56
C LYS A 205 -21.01 -5.45 -1.62
N ASP A 206 -21.62 -6.62 -1.87
CA ASP A 206 -21.32 -7.78 -1.04
C ASP A 206 -19.87 -8.22 -1.21
N ILE A 207 -19.33 -8.10 -2.43
CA ILE A 207 -17.93 -8.44 -2.66
C ILE A 207 -17.03 -7.54 -1.84
N ILE A 208 -17.33 -6.24 -1.81
CA ILE A 208 -16.54 -5.29 -1.03
C ILE A 208 -16.60 -5.64 0.45
N LYS A 209 -17.80 -5.93 0.95
CA LYS A 209 -17.95 -6.29 2.37
C LYS A 209 -17.18 -7.55 2.71
N GLU A 210 -17.26 -8.57 1.85
CA GLU A 210 -16.50 -9.80 2.08
C GLU A 210 -15.01 -9.55 1.99
N ALA A 211 -14.59 -8.65 1.09
CA ALA A 211 -13.18 -8.28 1.01
C ALA A 211 -12.72 -7.60 2.29
N GLU A 212 -13.58 -6.78 2.89
CA GLU A 212 -13.25 -6.14 4.16
C GLU A 212 -13.18 -7.15 5.29
N ARG A 213 -13.97 -8.22 5.21
CA ARG A 213 -13.95 -9.27 6.22
C ARG A 213 -12.79 -10.24 6.07
N GLY A 214 -12.03 -10.14 4.98
CA GLY A 214 -10.89 -11.00 4.79
C GLY A 214 -11.28 -12.42 4.42
N SER A 215 -11.98 -12.58 3.29
CA SER A 215 -12.49 -13.86 2.86
C SER A 215 -11.93 -14.25 1.51
N LEU A 216 -11.72 -15.55 1.33
CA LEU A 216 -11.27 -16.09 0.05
C LEU A 216 -12.39 -16.00 -0.98
N PHE A 217 -12.00 -15.80 -2.24
CA PHE A 217 -12.96 -15.67 -3.33
C PHE A 217 -12.68 -16.69 -4.43
N LEU A 218 -13.75 -17.27 -4.96
CA LEU A 218 -13.72 -18.07 -6.18
C LEU A 218 -14.78 -17.53 -7.12
N ALA A 219 -14.37 -17.16 -8.34
CA ALA A 219 -15.24 -16.51 -9.29
C ALA A 219 -15.58 -17.45 -10.45
N ASP A 220 -16.83 -17.39 -10.89
CA ASP A 220 -17.31 -18.22 -11.99
C ASP A 220 -16.83 -17.66 -13.33
N THR A 221 -17.02 -18.45 -14.39
CA THR A 221 -16.61 -18.02 -15.73
C THR A 221 -17.32 -16.75 -16.15
N ASN A 222 -18.63 -16.67 -15.91
CA ASN A 222 -19.39 -15.48 -16.27
C ASN A 222 -18.94 -14.25 -15.50
N VAL A 223 -18.36 -14.45 -14.31
CA VAL A 223 -17.86 -13.32 -13.52
C VAL A 223 -16.73 -12.61 -14.24
N TYR A 224 -15.79 -13.39 -14.80
CA TYR A 224 -14.65 -12.78 -15.49
C TYR A 224 -15.07 -12.10 -16.79
N ILE A 225 -16.05 -12.67 -17.49
CA ILE A 225 -16.47 -12.10 -18.77
C ILE A 225 -17.38 -10.89 -18.60
N ARG A 226 -17.97 -10.70 -17.41
CA ARG A 226 -18.90 -9.61 -17.17
C ARG A 226 -18.35 -8.55 -16.23
N LEU A 227 -17.58 -8.93 -15.21
CA LEU A 227 -16.99 -7.96 -14.30
C LEU A 227 -15.65 -7.45 -14.79
N GLY A 228 -14.90 -8.28 -15.52
CA GLY A 228 -13.65 -7.86 -16.10
C GLY A 228 -12.60 -7.54 -15.05
N ASN A 229 -11.77 -6.54 -15.37
CA ASN A 229 -10.69 -6.14 -14.46
C ASN A 229 -11.19 -5.34 -13.26
N ARG A 230 -12.46 -4.92 -13.25
CA ARG A 230 -12.97 -4.27 -12.04
C ARG A 230 -13.05 -5.26 -10.88
N LEU A 231 -12.98 -6.57 -11.16
CA LEU A 231 -12.98 -7.56 -10.10
C LEU A 231 -11.78 -7.38 -9.17
N ARG A 232 -10.65 -6.91 -9.70
CA ARG A 232 -9.50 -6.63 -8.85
C ARG A 232 -9.82 -5.54 -7.84
N SER A 233 -10.45 -4.46 -8.29
CA SER A 233 -10.80 -3.38 -7.38
C SER A 233 -11.85 -3.82 -6.36
N LEU A 234 -12.78 -4.69 -6.76
CA LEU A 234 -13.81 -5.16 -5.84
C LEU A 234 -13.22 -6.07 -4.76
N VAL A 235 -12.20 -6.86 -5.09
CA VAL A 235 -11.64 -7.82 -4.16
C VAL A 235 -10.51 -7.19 -3.33
N TYR A 236 -9.69 -6.36 -3.95
CA TYR A 236 -8.50 -5.84 -3.28
C TYR A 236 -8.89 -4.91 -2.13
N ASN A 237 -8.25 -5.11 -0.99
CA ASN A 237 -8.35 -4.21 0.16
C ASN A 237 -6.96 -4.04 0.75
N ARG A 238 -6.73 -2.90 1.40
CA ARG A 238 -5.39 -2.59 1.89
C ARG A 238 -4.95 -3.56 2.98
N LYS A 239 -5.85 -3.91 3.90
CA LYS A 239 -5.46 -4.76 5.03
C LYS A 239 -5.10 -6.17 4.57
N TYR A 240 -5.96 -6.79 3.76
CA TYR A 240 -5.79 -8.19 3.39
C TYR A 240 -5.20 -8.40 2.02
N GLY A 241 -5.46 -7.50 1.06
CA GLY A 241 -4.90 -7.66 -0.27
C GLY A 241 -5.87 -8.20 -1.29
N PHE A 242 -5.33 -8.86 -2.31
CA PHE A 242 -6.11 -9.45 -3.40
C PHE A 242 -6.30 -10.93 -3.08
N ARG A 243 -7.50 -11.27 -2.60
CA ARG A 243 -7.79 -12.61 -2.10
C ARG A 243 -8.70 -13.39 -3.06
N LEU A 244 -8.50 -13.22 -4.36
CA LEU A 244 -9.24 -13.97 -5.38
C LEU A 244 -8.40 -15.15 -5.83
N LEU A 245 -8.84 -16.36 -5.49
CA LEU A 245 -8.14 -17.56 -5.93
C LEU A 245 -8.46 -17.84 -7.40
N SER A 246 -7.56 -18.60 -8.03
CA SER A 246 -7.64 -18.90 -9.46
C SER A 246 -8.31 -20.26 -9.64
N SER A 247 -9.58 -20.24 -10.03
CA SER A 247 -10.34 -21.47 -10.20
C SER A 247 -9.82 -22.27 -11.39
N LYS A 248 -9.60 -23.58 -11.19
CA LYS A 248 -9.18 -24.43 -12.29
C LYS A 248 -10.32 -24.66 -13.27
N ASN A 249 -11.53 -24.91 -12.76
CA ASN A 249 -12.67 -25.17 -13.64
C ASN A 249 -13.01 -23.94 -14.49
N THR A 250 -12.94 -22.74 -13.89
CA THR A 250 -13.22 -21.53 -14.65
C THR A 250 -12.24 -21.35 -15.79
N PHE A 251 -10.95 -21.61 -15.54
CA PHE A 251 -9.98 -21.56 -16.62
C PHE A 251 -10.25 -22.63 -17.66
N ASN A 252 -10.70 -23.82 -17.21
CA ASN A 252 -11.02 -24.90 -18.14
C ASN A 252 -12.13 -24.49 -19.08
N GLU A 253 -13.19 -23.87 -18.55
CA GLU A 253 -14.29 -23.45 -19.40
C GLU A 253 -13.85 -22.37 -20.38
N LEU A 254 -13.07 -21.40 -19.90
CA LEU A 254 -12.56 -20.36 -20.79
C LEU A 254 -11.58 -20.94 -21.81
N TYR A 255 -10.71 -21.85 -21.40
CA TYR A 255 -9.73 -22.41 -22.32
C TYR A 255 -10.39 -23.23 -23.40
N ASN A 256 -11.43 -24.00 -23.05
CA ASN A 256 -12.12 -24.82 -24.05
C ASN A 256 -12.79 -23.96 -25.11
N HIS A 257 -13.37 -22.83 -24.70
CA HIS A 257 -14.04 -21.94 -25.63
C HIS A 257 -13.10 -21.02 -26.39
N THR A 258 -11.83 -20.93 -26.00
CA THR A 258 -10.87 -20.08 -26.70
C THR A 258 -10.17 -20.83 -27.84
N ALA A 259 -9.76 -22.07 -27.62
CA ALA A 259 -9.09 -22.85 -28.64
C ALA A 259 -10.08 -23.40 -29.66
N THR A 262 -12.62 -24.10 -32.59
CA THR A 262 -12.83 -23.94 -34.03
C THR A 262 -11.95 -22.84 -34.60
N GLN A 263 -12.42 -22.19 -35.67
CA GLN A 263 -11.66 -21.13 -36.31
C GLN A 263 -12.47 -19.84 -36.41
N LYS A 264 -13.79 -19.95 -36.53
CA LYS A 264 -14.65 -18.78 -36.68
C LYS A 264 -14.94 -18.16 -35.31
N ILE A 265 -14.74 -16.85 -35.21
CA ILE A 265 -14.97 -16.12 -33.96
C ILE A 265 -16.42 -15.62 -34.00
N ASP A 266 -17.31 -16.41 -33.43
CA ASP A 266 -18.72 -16.05 -33.35
C ASP A 266 -18.96 -15.13 -32.15
N GLU A 267 -20.22 -14.71 -31.97
CA GLU A 267 -20.54 -13.86 -30.83
C GLU A 267 -20.27 -14.55 -29.51
N ASN A 268 -20.40 -15.88 -29.45
CA ASN A 268 -20.08 -16.61 -28.23
C ASN A 268 -18.59 -16.52 -27.91
N LYS A 269 -17.73 -16.70 -28.91
CA LYS A 269 -16.29 -16.72 -28.67
C LYS A 269 -15.79 -15.37 -28.17
N VAL A 270 -16.43 -14.27 -28.59
CA VAL A 270 -15.97 -12.95 -28.17
C VAL A 270 -16.07 -12.80 -26.65
N LYS A 271 -17.16 -13.30 -26.07
CA LYS A 271 -17.31 -13.21 -24.62
C LYS A 271 -16.23 -13.99 -23.88
N PHE A 272 -15.93 -15.21 -24.34
CA PHE A 272 -15.00 -16.06 -23.61
C PHE A 272 -13.56 -15.56 -23.73
N ILE A 273 -13.16 -15.11 -24.92
CA ILE A 273 -11.82 -14.53 -25.06
C ILE A 273 -11.71 -13.25 -24.24
N LEU A 274 -12.79 -12.47 -24.20
CA LEU A 274 -12.80 -11.27 -23.38
C LEU A 274 -12.65 -11.61 -21.90
N GLY A 275 -13.35 -12.65 -21.44
CA GLY A 275 -13.18 -13.12 -20.08
C GLY A 275 -11.81 -13.70 -19.84
N MET A 276 -11.25 -14.38 -20.84
CA MET A 276 -9.90 -14.93 -20.73
C MET A 276 -8.87 -13.83 -20.54
N LEU A 277 -9.05 -12.71 -21.25
CA LEU A 277 -8.14 -11.58 -21.07
C LEU A 277 -8.18 -11.07 -19.64
N SER A 278 -9.37 -10.97 -19.06
CA SER A 278 -9.49 -10.59 -17.66
C SER A 278 -8.91 -11.68 -16.74
N TYR A 279 -9.16 -12.94 -17.07
CA TYR A 279 -8.66 -14.03 -16.24
C TYR A 279 -7.13 -14.02 -16.17
N ARG A 280 -6.46 -13.85 -17.30
CA ARG A 280 -5.00 -13.80 -17.24
C ARG A 280 -4.50 -12.51 -16.60
N SER A 281 -5.20 -11.40 -16.77
CA SER A 281 -4.75 -10.14 -16.19
C SER A 281 -4.96 -10.12 -14.68
N LEU A 282 -6.05 -10.69 -14.20
CA LEU A 282 -6.40 -10.58 -12.79
C LEU A 282 -5.47 -11.43 -11.92
N HIS A 283 -5.47 -12.74 -12.13
CA HIS A 283 -4.70 -13.64 -11.29
C HIS A 283 -4.00 -14.67 -12.17
N VAL A 284 -3.54 -15.74 -11.54
CA VAL A 284 -2.57 -16.70 -12.06
C VAL A 284 -1.29 -15.99 -12.46
N PRO A 285 -0.60 -15.29 -11.55
CA PRO A 285 0.72 -14.74 -11.89
C PRO A 285 1.81 -15.80 -11.92
N PRO A 286 1.84 -16.77 -10.96
CA PRO A 286 2.89 -17.80 -11.04
C PRO A 286 2.74 -18.73 -12.24
N ILE A 287 1.58 -19.36 -12.38
CA ILE A 287 1.35 -20.19 -13.56
C ILE A 287 1.16 -19.30 -14.78
N THR A 288 1.80 -19.68 -15.88
CA THR A 288 1.85 -18.86 -17.08
C THR A 288 1.33 -19.65 -18.26
N SER A 289 1.23 -18.96 -19.40
CA SER A 289 0.77 -19.54 -20.65
C SER A 289 -0.64 -20.10 -20.51
N GLN A 290 -1.09 -20.83 -21.54
CA GLN A 290 -2.39 -21.51 -21.52
C GLN A 290 -2.17 -22.92 -22.03
N VAL A 291 -1.77 -23.83 -21.14
CA VAL A 291 -1.48 -25.20 -21.51
C VAL A 291 -1.75 -26.10 -20.31
N ARG A 292 -2.40 -27.23 -20.56
CA ARG A 292 -2.40 -28.38 -19.64
C ARG A 292 -3.13 -28.08 -18.34
N SER A 293 -4.30 -27.46 -18.45
CA SER A 293 -5.11 -27.27 -17.25
C SER A 293 -5.80 -28.58 -16.94
N SER A 294 -5.70 -29.02 -15.69
CA SER A 294 -6.21 -30.33 -15.33
C SER A 294 -7.70 -30.25 -15.03
N GLY A 295 -8.32 -31.43 -14.94
CA GLY A 295 -9.75 -31.48 -14.71
C GLY A 295 -10.12 -31.12 -13.29
N ASP A 296 -11.39 -30.76 -13.13
CA ASP A 296 -11.93 -30.38 -11.83
C ASP A 296 -13.40 -30.78 -11.79
N MET A 297 -13.90 -30.99 -10.58
CA MET A 297 -15.28 -31.42 -10.39
C MET A 297 -16.25 -30.25 -10.39
N GLY A 298 -15.75 -29.03 -10.52
CA GLY A 298 -16.60 -27.86 -10.65
C GLY A 298 -16.28 -26.80 -9.62
N LEU A 299 -16.84 -25.61 -9.85
CA LEU A 299 -16.64 -24.49 -8.96
C LEU A 299 -17.19 -24.78 -7.57
N ILE A 300 -18.34 -25.47 -7.50
CA ILE A 300 -18.92 -25.78 -6.20
C ILE A 300 -18.03 -26.75 -5.43
N ASN A 301 -17.55 -27.80 -6.09
CA ASN A 301 -16.74 -28.80 -5.38
C ASN A 301 -15.43 -28.19 -4.90
N GLU A 302 -14.77 -27.40 -5.73
CA GLU A 302 -13.49 -26.83 -5.31
C GLU A 302 -13.67 -25.85 -4.15
N ALA A 303 -14.80 -25.14 -4.12
CA ALA A 303 -15.09 -24.30 -2.96
C ALA A 303 -15.29 -25.13 -1.70
N LEU A 304 -15.97 -26.27 -1.82
CA LEU A 304 -16.13 -27.16 -0.67
C LEU A 304 -14.78 -27.71 -0.21
N GLU A 305 -13.92 -28.09 -1.15
CA GLU A 305 -12.62 -28.66 -0.80
C GLU A 305 -11.75 -27.63 -0.08
N ILE A 306 -11.75 -26.38 -0.55
CA ILE A 306 -10.98 -25.35 0.13
C ILE A 306 -11.60 -25.03 1.48
N LYS A 307 -12.93 -25.03 1.55
CA LYS A 307 -13.63 -24.72 2.79
C LYS A 307 -13.32 -25.74 3.87
N LYS A 308 -13.28 -27.03 3.51
CA LYS A 308 -13.07 -28.09 4.48
C LYS A 308 -11.63 -28.22 4.95
N ASN A 309 -10.70 -27.51 4.30
CA ASN A 309 -9.29 -27.63 4.64
C ASN A 309 -8.70 -26.36 5.23
N VAL A 310 -9.38 -25.22 5.13
CA VAL A 310 -8.86 -23.98 5.68
C VAL A 310 -9.90 -23.36 6.60
N GLU A 311 -9.41 -22.46 7.44
CA GLU A 311 -10.26 -21.70 8.34
C GLU A 311 -10.72 -20.37 7.74
N ASP A 312 -10.29 -20.06 6.52
CA ASP A 312 -10.75 -18.86 5.83
C ASP A 312 -12.20 -19.00 5.38
N ASN A 313 -12.85 -17.85 5.18
CA ASN A 313 -14.22 -17.83 4.69
C ASN A 313 -14.19 -17.89 3.17
N VAL A 314 -14.74 -18.95 2.61
CA VAL A 314 -14.77 -19.16 1.17
C VAL A 314 -16.06 -18.55 0.62
N VAL A 315 -15.93 -17.65 -0.34
CA VAL A 315 -17.06 -16.98 -0.96
C VAL A 315 -17.04 -17.29 -2.46
N LEU A 316 -18.19 -17.71 -2.98
CA LEU A 316 -18.32 -18.07 -4.38
C LEU A 316 -19.07 -16.96 -5.12
N ILE A 317 -18.48 -16.46 -6.20
CA ILE A 317 -19.09 -15.41 -7.01
C ILE A 317 -19.53 -16.03 -8.33
N THR A 318 -20.79 -15.80 -8.70
CA THR A 318 -21.32 -16.32 -9.95
C THR A 318 -22.46 -15.45 -10.43
N ALA A 319 -22.66 -15.44 -11.74
CA ALA A 319 -23.84 -14.86 -12.36
C ALA A 319 -24.86 -15.92 -12.75
N ASP A 320 -24.51 -17.19 -12.59
CA ASP A 320 -25.45 -18.29 -12.85
C ASP A 320 -26.30 -18.48 -11.60
N LYS A 321 -27.58 -18.11 -11.70
CA LYS A 321 -28.47 -18.21 -10.55
C LYS A 321 -28.67 -19.65 -10.12
N ALA A 322 -28.80 -20.57 -11.08
CA ALA A 322 -28.95 -21.97 -10.74
C ALA A 322 -27.73 -22.51 -10.01
N LEU A 323 -26.54 -22.16 -10.50
CA LEU A 323 -25.31 -22.58 -9.81
C LEU A 323 -25.20 -21.94 -8.44
N GLY A 324 -25.53 -20.65 -8.33
CA GLY A 324 -25.40 -19.97 -7.05
C GLY A 324 -26.32 -20.54 -5.99
N LEU A 325 -27.57 -20.84 -6.37
CA LEU A 325 -28.51 -21.42 -5.42
C LEU A 325 -28.05 -22.79 -4.93
N THR A 326 -27.52 -23.62 -5.84
CA THR A 326 -27.02 -24.93 -5.43
C THR A 326 -25.83 -24.79 -4.49
N ALA A 327 -24.94 -23.84 -4.78
CA ALA A 327 -23.82 -23.58 -3.87
C ALA A 327 -24.32 -23.11 -2.52
N GLN A 328 -25.35 -22.26 -2.52
CA GLN A 328 -25.92 -21.80 -1.26
C GLN A 328 -26.56 -22.96 -0.49
N SER A 329 -27.18 -23.90 -1.20
CA SER A 329 -27.80 -25.05 -0.55
C SER A 329 -26.76 -25.96 0.10
N LYS A 330 -25.52 -25.92 -0.37
CA LYS A 330 -24.43 -26.68 0.23
C LYS A 330 -23.74 -25.94 1.36
N GLY A 331 -24.21 -24.74 1.71
CA GLY A 331 -23.64 -23.95 2.79
C GLY A 331 -22.68 -22.88 2.34
N LEU A 332 -22.29 -22.85 1.07
CA LEU A 332 -21.35 -21.85 0.59
C LEU A 332 -21.96 -20.45 0.63
N ARG A 333 -21.15 -19.48 1.00
CA ARG A 333 -21.54 -18.08 0.90
C ARG A 333 -21.38 -17.64 -0.55
N THR A 334 -22.50 -17.38 -1.22
CA THR A 334 -22.49 -17.11 -2.65
C THR A 334 -23.02 -15.70 -2.91
N ILE A 335 -22.32 -14.97 -3.77
CA ILE A 335 -22.76 -13.66 -4.26
C ILE A 335 -23.27 -13.86 -5.68
N ILE A 336 -24.56 -13.65 -5.88
CA ILE A 336 -25.21 -13.88 -7.16
C ILE A 336 -25.51 -12.53 -7.80
N LEU A 337 -24.88 -12.25 -8.94
CA LEU A 337 -25.04 -10.97 -9.63
C LEU A 337 -26.29 -11.02 -10.49
N SER A 338 -27.39 -10.47 -9.98
CA SER A 338 -28.66 -10.42 -10.71
C SER A 338 -29.12 -9.00 -10.99
N LYS A 339 -29.23 -8.16 -9.96
CA LYS A 339 -29.76 -6.82 -10.12
C LYS A 339 -28.76 -5.91 -10.81
N VAL A 340 -29.26 -5.08 -11.73
CA VAL A 340 -28.43 -4.21 -12.56
C VAL A 340 -28.63 -2.77 -12.09
N ARG A 341 -27.52 -2.07 -11.88
CA ARG A 341 -27.55 -0.66 -11.51
C ARG A 341 -27.04 0.16 -12.69
N LYS A 342 -27.80 1.17 -13.08
CA LYS A 342 -27.38 2.12 -14.09
C LYS A 342 -27.09 3.47 -13.46
N GLU A 343 -26.34 4.29 -14.20
CA GLU A 343 -25.99 5.65 -13.78
C GLU A 343 -25.27 5.63 -12.43
N ILE A 344 -24.10 4.98 -12.41
CA ILE A 344 -23.28 4.86 -11.20
C ILE A 344 -22.28 6.00 -11.07
N GLY A 345 -22.31 6.97 -11.99
CA GLY A 345 -21.41 8.10 -11.95
C GLY A 345 -20.19 7.99 -12.85
N GLU A 346 -19.10 7.43 -12.34
CA GLU A 346 -17.85 7.39 -13.07
C GLU A 346 -17.56 5.96 -13.53
N TRP A 347 -17.00 5.84 -14.74
CA TRP A 347 -16.74 4.56 -15.36
C TRP A 347 -15.43 4.63 -16.11
N ASP A 348 -14.94 3.47 -16.54
CA ASP A 348 -13.70 3.39 -17.31
C ASP A 348 -14.04 3.54 -18.78
N ILE A 349 -13.70 4.69 -19.35
CA ILE A 349 -13.94 4.92 -20.78
C ILE A 349 -13.03 4.05 -21.63
N GLY A 350 -11.80 3.80 -21.16
CA GLY A 350 -10.88 2.97 -21.93
C GLY A 350 -11.37 1.55 -22.10
N GLU A 351 -11.91 0.97 -21.03
CA GLU A 351 -12.47 -0.38 -21.13
C GLU A 351 -13.70 -0.41 -22.02
N LEU A 352 -14.53 0.65 -21.96
CA LEU A 352 -15.72 0.71 -22.80
C LEU A 352 -15.34 0.69 -24.27
N LEU A 353 -14.40 1.54 -24.67
CA LEU A 353 -14.00 1.59 -26.07
C LEU A 353 -13.31 0.28 -26.48
N PHE A 354 -12.50 -0.30 -25.58
CA PHE A 354 -11.87 -1.57 -25.88
C PHE A 354 -12.89 -2.68 -26.08
N CYS A 355 -13.89 -2.75 -25.21
CA CYS A 355 -14.93 -3.77 -25.35
C CYS A 355 -15.77 -3.52 -26.60
N LEU A 356 -16.17 -2.28 -26.84
CA LEU A 356 -16.97 -1.97 -28.02
C LEU A 356 -16.16 -2.19 -29.29
N SER A 357 -14.86 -1.89 -29.26
CA SER A 357 -14.03 -2.09 -30.44
C SER A 357 -13.97 -3.56 -30.82
N PHE A 358 -13.80 -4.45 -29.84
CA PHE A 358 -13.69 -5.87 -30.18
C PHE A 358 -14.99 -6.42 -30.73
N TYR A 359 -16.13 -6.05 -30.14
CA TYR A 359 -17.39 -6.59 -30.63
C TYR A 359 -17.79 -5.96 -31.96
N ASN A 360 -17.46 -4.68 -32.16
CA ASN A 360 -17.77 -4.02 -33.43
C ASN A 360 -16.99 -4.65 -34.58
N ASP A 361 -15.74 -5.05 -34.33
CA ASP A 361 -14.95 -5.68 -35.37
C ASP A 361 -15.48 -7.05 -35.77
N TYR A 362 -16.41 -7.61 -35.00
CA TYR A 362 -17.03 -8.90 -35.28
C TYR A 362 -18.55 -8.80 -35.25
N ARG A 363 -19.08 -7.62 -35.59
CA ARG A 363 -20.52 -7.39 -35.66
C ARG A 363 -20.83 -6.27 -36.65
N ARG A 368 -20.07 -1.45 -37.40
CA ARG A 368 -19.95 0.02 -37.46
C ARG A 368 -18.50 0.46 -37.34
N MET A 369 -18.28 1.77 -37.25
CA MET A 369 -16.95 2.36 -37.16
C MET A 369 -16.99 3.50 -36.15
N ILE A 370 -16.52 3.23 -34.94
CA ILE A 370 -16.48 4.24 -33.88
C ILE A 370 -15.25 5.12 -34.06
N GLU A 371 -15.45 6.43 -33.88
CA GLU A 371 -14.39 7.41 -34.08
C GLU A 371 -14.33 8.36 -32.89
N ILE A 372 -13.21 9.07 -32.78
CA ILE A 372 -13.01 10.11 -31.77
C ILE A 372 -12.95 11.46 -32.49
N SER A 373 -13.85 12.36 -32.13
CA SER A 373 -13.96 13.66 -32.77
C SER A 373 -13.74 14.78 -31.75
N LEU A 374 -13.11 15.86 -32.19
CA LEU A 374 -12.86 17.03 -31.36
C LEU A 374 -13.51 18.25 -32.02
N ASN A 375 -14.45 18.88 -31.31
CA ASN A 375 -15.14 20.06 -31.79
C ASN A 375 -15.83 19.82 -33.13
N GLY A 376 -16.36 18.62 -33.30
CA GLY A 376 -17.07 18.27 -34.52
C GLY A 376 -16.21 17.82 -35.67
N SER A 377 -14.90 17.65 -35.47
CA SER A 377 -13.99 17.20 -36.51
C SER A 377 -13.34 15.90 -36.07
N LYS A 378 -13.32 14.91 -36.96
CA LYS A 378 -12.74 13.61 -36.63
C LYS A 378 -11.25 13.74 -36.37
N ILE A 379 -10.77 13.04 -35.35
CA ILE A 379 -9.37 13.08 -34.95
C ILE A 379 -8.71 11.70 -35.08
N ALA A 380 -9.38 10.66 -34.61
CA ALA A 380 -8.77 9.34 -34.61
C ALA A 380 -9.82 8.25 -34.80
N GLU A 381 -9.35 7.11 -35.28
CA GLU A 381 -10.16 5.91 -35.44
C GLU A 381 -9.35 4.73 -34.90
N LEU A 382 -10.05 3.75 -34.32
CA LEU A 382 -9.40 2.66 -33.64
C LEU A 382 -9.98 1.31 -34.08
N HIS A 383 -9.15 0.27 -33.97
CA HIS A 383 -9.52 -1.06 -34.40
C HIS A 383 -9.03 -2.08 -33.37
N SER A 384 -9.51 -3.31 -33.49
CA SER A 384 -9.22 -4.35 -32.50
C SER A 384 -8.11 -5.28 -32.99
N TYR A 385 -7.06 -5.43 -32.16
CA TYR A 385 -5.94 -6.32 -32.46
C TYR A 385 -5.50 -6.95 -31.14
N TYR A 386 -5.68 -8.26 -31.00
CA TYR A 386 -5.41 -8.98 -29.76
C TYR A 386 -4.36 -10.05 -29.96
N HIS A 387 -3.50 -10.22 -28.96
CA HIS A 387 -2.50 -11.30 -28.98
C HIS A 387 -2.06 -11.60 -27.55
N LEU A 388 -2.42 -12.77 -27.05
CA LEU A 388 -2.03 -13.23 -25.70
C LEU A 388 -2.54 -12.21 -24.67
N GLN A 389 -1.80 -11.99 -23.59
CA GLN A 389 -2.23 -11.10 -22.52
C GLN A 389 -1.88 -9.65 -22.85
N GLU A 390 -2.49 -9.16 -23.91
CA GLU A 390 -2.30 -7.80 -24.37
C GLU A 390 -3.66 -7.17 -24.67
N ARG A 391 -4.06 -6.21 -23.85
CA ARG A 391 -5.29 -5.46 -24.05
C ARG A 391 -4.98 -4.16 -24.76
N ARG A 392 -4.56 -4.29 -26.01
CA ARG A 392 -4.11 -3.16 -26.80
C ARG A 392 -5.05 -2.93 -27.98
N VAL A 393 -5.33 -1.66 -28.25
CA VAL A 393 -6.21 -1.26 -29.35
C VAL A 393 -5.39 -0.38 -30.28
N LYS A 394 -5.47 -0.67 -31.58
CA LYS A 394 -4.73 0.10 -32.57
C LYS A 394 -5.57 1.29 -33.00
N VAL A 395 -5.10 2.49 -32.69
CA VAL A 395 -5.80 3.73 -33.01
C VAL A 395 -5.00 4.51 -34.02
N ARG A 396 -5.65 4.92 -35.10
CA ARG A 396 -5.03 5.69 -36.17
C ARG A 396 -5.56 7.11 -36.13
N VAL A 397 -4.66 8.08 -36.06
CA VAL A 397 -5.02 9.49 -35.93
C VAL A 397 -5.01 10.10 -37.32
N VAL A 398 -6.15 10.67 -37.72
CA VAL A 398 -6.25 11.27 -39.05
C VAL A 398 -5.78 12.72 -39.07
N ASP A 399 -5.39 13.26 -37.92
CA ASP A 399 -4.84 14.62 -37.83
C ASP A 399 -3.48 14.50 -37.16
N LYS A 400 -2.42 14.80 -37.90
CA LYS A 400 -1.06 14.66 -37.36
C LYS A 400 -0.76 15.66 -36.26
N ARG A 401 -1.60 16.68 -36.08
CA ARG A 401 -1.41 17.70 -35.07
C ARG A 401 -1.81 17.23 -33.68
N TYR A 402 -2.48 16.08 -33.58
CA TYR A 402 -2.97 15.54 -32.31
C TYR A 402 -2.57 14.07 -32.17
N ASN A 403 -1.36 13.72 -32.58
CA ASN A 403 -0.90 12.32 -32.51
C ASN A 403 -0.23 12.05 -31.16
N TYR A 404 -1.01 12.28 -30.11
CA TYR A 404 -0.60 12.06 -28.73
C TYR A 404 -0.39 10.57 -28.39
N PRO A 405 -1.13 9.62 -28.97
CA PRO A 405 -0.84 8.21 -28.67
C PRO A 405 0.58 7.79 -28.98
N LYS A 406 1.24 8.47 -29.93
CA LYS A 406 2.62 8.13 -30.23
C LYS A 406 3.52 8.39 -29.02
N ILE A 407 3.30 9.49 -28.32
CA ILE A 407 4.02 9.75 -27.08
C ILE A 407 3.57 8.77 -25.99
N LEU A 408 2.27 8.48 -25.95
CA LEU A 408 1.74 7.57 -24.94
C LEU A 408 2.36 6.17 -25.04
N GLU A 409 2.72 5.75 -26.25
CA GLU A 409 3.41 4.47 -26.40
C GLU A 409 4.74 4.47 -25.68
N ILE A 410 5.51 5.56 -25.79
CA ILE A 410 6.80 5.64 -25.11
C ILE A 410 6.61 5.63 -23.59
N LEU A 411 5.61 6.37 -23.10
CA LEU A 411 5.36 6.40 -21.67
C LEU A 411 4.96 5.03 -21.14
N SER A 412 4.14 4.30 -21.90
CA SER A 412 3.71 2.96 -21.47
C SER A 412 4.90 2.01 -21.38
N GLU A 413 5.84 2.10 -22.33
CA GLU A 413 7.04 1.28 -22.27
C GLU A 413 7.88 1.59 -21.04
N ILE A 414 8.00 2.88 -20.70
CA ILE A 414 8.77 3.28 -19.53
C ILE A 414 8.13 2.75 -18.26
N LEU A 415 6.80 2.87 -18.16
CA LEU A 415 6.11 2.39 -16.96
C LEU A 415 6.25 0.88 -16.83
N ALA A 416 6.16 0.16 -17.95
CA ALA A 416 6.33 -1.29 -17.90
C ALA A 416 7.76 -1.66 -17.49
N THR A 417 8.74 -0.92 -17.99
CA THR A 417 10.14 -1.20 -17.63
C THR A 417 10.38 -0.93 -16.15
N ALA A 418 9.79 0.13 -15.60
CA ALA A 418 10.00 0.46 -14.20
C ALA A 418 9.43 -0.63 -13.29
N ASP A 419 8.24 -1.13 -13.61
CA ASP A 419 7.59 -2.18 -12.82
C ASP A 419 7.76 -3.50 -13.57
N GLN A 420 8.80 -4.25 -13.21
CA GLN A 420 9.09 -5.53 -13.84
C GLN A 420 8.01 -6.56 -13.50
N MET B 1 2.10 33.60 25.53
CA MET B 1 1.54 32.30 25.17
C MET B 1 2.31 31.71 23.99
N LEU B 2 2.44 30.38 23.99
CA LEU B 2 3.14 29.66 22.93
C LEU B 2 2.12 28.83 22.15
N ILE B 3 2.09 29.02 20.83
CA ILE B 3 1.10 28.40 19.96
C ILE B 3 1.81 27.44 19.02
N LEU B 4 1.34 26.20 18.96
CA LEU B 4 1.90 25.17 18.11
C LEU B 4 0.84 24.72 17.10
N ALA B 5 1.24 24.58 15.84
CA ALA B 5 0.35 24.18 14.78
C ALA B 5 0.90 22.94 14.07
N THR B 6 -0.01 22.06 13.64
CA THR B 6 0.34 20.86 12.90
C THR B 6 -0.77 20.59 11.88
N LEU B 7 -0.57 19.55 11.07
CA LEU B 7 -1.49 19.21 10.01
C LEU B 7 -2.19 17.89 10.30
N GLY B 8 -3.46 17.80 9.92
CA GLY B 8 -4.22 16.58 10.09
C GLY B 8 -4.13 15.69 8.87
N SER B 9 -4.28 14.38 9.09
CA SER B 9 -4.18 13.40 8.03
C SER B 9 -5.19 12.28 8.29
N ASP B 10 -5.39 11.44 7.26
CA ASP B 10 -6.28 10.30 7.41
C ASP B 10 -5.76 9.35 8.47
N LYS B 11 -4.45 9.09 8.48
CA LYS B 11 -3.82 8.33 9.55
C LYS B 11 -3.42 9.32 10.64
N SER B 12 -4.27 9.46 11.66
CA SER B 12 -4.05 10.42 12.73
C SER B 12 -2.83 10.07 13.58
N VAL B 13 -2.29 8.85 13.44
CA VAL B 13 -1.12 8.47 14.23
C VAL B 13 0.08 9.34 13.87
N THR B 14 0.21 9.69 12.59
CA THR B 14 1.29 10.58 12.18
C THR B 14 1.16 11.95 12.84
N THR B 15 -0.07 12.48 12.90
CA THR B 15 -0.28 13.75 13.59
C THR B 15 0.02 13.62 15.08
N ILE B 16 -0.36 12.49 15.69
CA ILE B 16 -0.08 12.27 17.10
C ILE B 16 1.42 12.21 17.33
N ASN B 17 2.13 11.44 16.51
CA ASN B 17 3.58 11.32 16.67
C ASN B 17 4.29 12.63 16.38
N ALA B 18 3.76 13.43 15.45
CA ALA B 18 4.34 14.74 15.19
C ALA B 18 4.25 15.63 16.41
N ILE B 19 3.10 15.62 17.09
CA ILE B 19 2.94 16.42 18.30
C ILE B 19 3.88 15.91 19.41
N LEU B 20 3.96 14.59 19.58
CA LEU B 20 4.79 14.03 20.64
C LEU B 20 6.27 14.31 20.39
N THR B 21 6.71 14.25 19.13
CA THR B 21 8.07 14.65 18.81
C THR B 21 8.29 16.12 19.13
N GLU B 22 7.29 16.96 18.87
CA GLU B 22 7.37 18.37 19.24
C GLU B 22 7.42 18.55 20.75
N ILE B 23 6.69 17.71 21.49
CA ILE B 23 6.72 17.77 22.95
C ILE B 23 8.07 17.31 23.48
N PHE B 24 8.61 16.24 22.91
CA PHE B 24 9.85 15.65 23.40
C PHE B 24 11.09 16.47 23.06
N THR B 25 10.98 17.50 22.22
CA THR B 25 12.11 18.38 21.94
C THR B 25 12.11 19.61 22.83
N GLY B 26 11.24 19.66 23.85
CA GLY B 26 11.23 20.73 24.83
C GLY B 26 10.07 21.68 24.71
N LEU B 27 9.34 21.67 23.60
CA LEU B 27 8.26 22.62 23.40
C LEU B 27 7.12 22.34 24.38
N ASN B 28 6.59 23.41 25.00
CA ASN B 28 5.47 23.33 25.92
C ASN B 28 4.43 24.36 25.49
N PRO B 29 3.69 24.08 24.42
CA PRO B 29 2.72 25.06 23.93
C PRO B 29 1.52 25.20 24.86
N ASN B 30 0.95 26.41 24.89
CA ASN B 30 -0.29 26.63 25.60
C ASN B 30 -1.50 26.20 24.79
N LYS B 31 -1.36 26.11 23.46
CA LYS B 31 -2.46 25.71 22.59
C LYS B 31 -1.89 25.04 21.35
N ILE B 32 -2.50 23.92 20.96
CA ILE B 32 -2.09 23.16 19.79
C ILE B 32 -3.25 23.16 18.80
N ILE B 33 -2.97 23.55 17.57
CA ILE B 33 -3.98 23.67 16.52
C ILE B 33 -3.63 22.67 15.42
N ILE B 34 -4.61 21.85 15.04
CA ILE B 34 -4.44 20.86 13.99
C ILE B 34 -5.25 21.32 12.79
N PHE B 35 -4.55 21.66 11.71
CA PHE B 35 -5.20 22.08 10.47
C PHE B 35 -5.46 20.85 9.62
N ARG B 36 -6.74 20.60 9.32
CA ARG B 36 -7.14 19.46 8.51
C ARG B 36 -8.12 19.94 7.44
N GLU B 37 -8.05 19.30 6.27
CA GLU B 37 -8.88 19.71 5.14
C GLU B 37 -10.33 19.29 5.29
N ASP B 38 -10.59 18.18 5.98
CA ASP B 38 -11.92 17.62 6.12
C ASP B 38 -12.26 17.45 7.59
N PRO B 39 -13.55 17.39 7.93
CA PRO B 39 -13.92 17.15 9.32
C PRO B 39 -13.38 15.82 9.81
N GLN B 40 -13.09 15.77 11.12
CA GLN B 40 -12.41 14.61 11.69
C GLN B 40 -13.23 13.34 11.52
N LYS B 41 -14.52 13.40 11.85
CA LYS B 41 -15.46 12.29 11.72
C LYS B 41 -15.12 11.10 12.62
N LYS B 42 -14.12 11.24 13.48
CA LYS B 42 -13.68 10.17 14.38
C LYS B 42 -13.26 10.82 15.69
N ASP B 43 -14.13 10.77 16.69
CA ASP B 43 -13.80 11.39 17.97
C ASP B 43 -12.59 10.70 18.58
N ILE B 44 -11.53 11.47 18.82
CA ILE B 44 -10.31 10.97 19.44
C ILE B 44 -10.14 11.70 20.76
N LYS B 45 -9.97 10.93 21.84
CA LYS B 45 -9.90 11.47 23.19
C LYS B 45 -8.70 10.92 23.93
N GLY B 46 -8.30 11.62 24.98
CA GLY B 46 -7.18 11.23 25.83
C GLY B 46 -5.87 11.92 25.53
N MET B 47 -5.75 12.65 24.42
CA MET B 47 -4.50 13.34 24.15
C MET B 47 -4.22 14.43 25.18
N GLU B 48 -5.26 15.14 25.62
CA GLU B 48 -5.06 16.17 26.64
C GLU B 48 -4.58 15.55 27.95
N LYS B 49 -5.18 14.42 28.35
CA LYS B 49 -4.73 13.75 29.57
C LYS B 49 -3.32 13.18 29.39
N ALA B 50 -3.04 12.60 28.23
CA ALA B 50 -1.70 12.06 27.98
C ALA B 50 -0.66 13.18 28.01
N LEU B 51 -0.98 14.34 27.45
CA LEU B 51 -0.08 15.48 27.51
C LEU B 51 0.04 16.01 28.94
N GLU B 52 -1.01 15.87 29.74
CA GLU B 52 -0.92 16.28 31.14
C GLU B 52 0.11 15.45 31.90
N TYR B 53 0.16 14.14 31.64
CA TYR B 53 1.16 13.29 32.29
C TYR B 53 2.57 13.64 31.88
N LEU B 54 2.75 14.36 30.76
CA LEU B 54 4.08 14.75 30.29
C LEU B 54 4.44 16.19 30.67
N GLY B 55 3.74 16.76 31.65
CA GLY B 55 4.04 18.11 32.10
C GLY B 55 3.68 19.20 31.11
N VAL B 56 2.65 18.99 30.30
CA VAL B 56 2.18 19.99 29.34
C VAL B 56 0.67 20.16 29.55
N ASN B 57 0.26 21.36 29.94
CA ASN B 57 -1.15 21.69 30.11
C ASN B 57 -1.57 22.55 28.93
N THR B 58 -2.03 21.91 27.86
CA THR B 58 -2.36 22.60 26.62
C THR B 58 -3.77 22.22 26.17
N LEU B 59 -4.35 23.10 25.35
CA LEU B 59 -5.64 22.88 24.73
C LEU B 59 -5.43 22.53 23.26
N ILE B 60 -6.11 21.49 22.80
CA ILE B 60 -5.99 21.03 21.42
C ILE B 60 -7.27 21.41 20.69
N GLU B 61 -7.13 22.25 19.67
CA GLU B 61 -8.28 22.74 18.91
C GLU B 61 -8.08 22.34 17.45
N GLU B 62 -9.12 21.78 16.84
CA GLU B 62 -9.08 21.34 15.45
C GLU B 62 -9.76 22.38 14.58
N LYS B 63 -9.02 22.92 13.62
CA LYS B 63 -9.50 23.97 12.73
C LYS B 63 -9.62 23.37 11.32
N VAL B 64 -10.84 23.07 10.91
CA VAL B 64 -11.10 22.54 9.58
C VAL B 64 -10.99 23.68 8.59
N ILE B 65 -10.03 23.59 7.68
CA ILE B 65 -9.77 24.66 6.71
C ILE B 65 -10.62 24.43 5.47
N GLY B 66 -10.48 23.26 4.85
CA GLY B 66 -11.19 22.92 3.65
C GLY B 66 -10.26 22.37 2.58
N GLU B 67 -10.85 22.06 1.43
CA GLU B 67 -10.12 21.55 0.29
C GLU B 67 -9.94 22.68 -0.71
N GLY B 68 -8.73 22.82 -1.24
CA GLY B 68 -8.41 23.86 -2.19
C GLY B 68 -7.14 24.58 -1.81
N ILE B 69 -6.51 25.23 -2.78
CA ILE B 69 -5.25 25.92 -2.55
C ILE B 69 -5.46 27.37 -2.15
N LYS B 70 -6.26 28.11 -2.92
CA LYS B 70 -6.55 29.50 -2.58
C LYS B 70 -7.23 29.60 -1.23
N LEU B 71 -8.02 28.59 -0.86
CA LEU B 71 -8.63 28.56 0.45
C LEU B 71 -7.58 28.49 1.55
N TRP B 72 -6.54 27.69 1.33
CA TRP B 72 -5.43 27.61 2.29
C TRP B 72 -4.54 28.86 2.26
N ARG B 73 -4.58 29.66 1.19
CA ARG B 73 -3.80 30.89 1.18
C ARG B 73 -4.29 31.88 2.23
N GLU B 74 -5.62 31.94 2.43
CA GLU B 74 -6.20 32.96 3.28
C GLU B 74 -6.37 32.50 4.72
N LYS B 75 -6.90 31.30 4.93
CA LYS B 75 -7.26 30.88 6.28
C LYS B 75 -6.08 30.38 7.10
N ILE B 76 -4.88 30.23 6.51
CA ILE B 76 -3.73 29.81 7.30
C ILE B 76 -3.00 30.98 7.93
N ARG B 77 -3.31 32.21 7.51
CA ARG B 77 -2.74 33.41 8.13
C ARG B 77 -3.58 33.93 9.30
N ASN B 78 -4.77 33.38 9.52
CA ASN B 78 -5.65 33.92 10.55
C ASN B 78 -5.07 33.74 11.94
N GLU B 79 -4.49 32.58 12.21
CA GLU B 79 -3.95 32.31 13.53
C GLU B 79 -2.56 32.90 13.69
N GLU B 80 -2.22 33.28 14.92
CA GLU B 80 -0.90 33.80 15.24
C GLU B 80 0.01 32.64 15.63
N ILE B 81 0.38 31.85 14.62
CA ILE B 81 1.20 30.66 14.85
C ILE B 81 2.60 31.09 15.29
N ASP B 82 3.11 30.43 16.33
CA ASP B 82 4.49 30.62 16.75
C ASP B 82 5.42 29.60 16.11
N ILE B 83 5.15 28.32 16.33
CA ILE B 83 5.92 27.23 15.75
C ILE B 83 4.97 26.33 14.97
N PHE B 84 5.32 26.03 13.72
CA PHE B 84 4.48 25.23 12.83
C PHE B 84 5.22 23.96 12.44
N ASP B 85 4.57 22.82 12.66
CA ASP B 85 5.10 21.51 12.27
C ASP B 85 4.30 21.00 11.07
N ILE B 86 5.01 20.60 10.02
CA ILE B 86 4.37 20.31 8.74
C ILE B 86 4.69 18.91 8.25
N THR B 87 4.96 17.98 9.17
CA THR B 87 5.32 16.64 8.75
C THR B 87 4.17 15.71 8.35
N PRO B 88 3.08 15.60 9.11
CA PRO B 88 2.11 14.53 8.83
C PRO B 88 1.06 14.88 7.78
N GLY B 89 1.11 16.06 7.20
CA GLY B 89 0.10 16.52 6.27
C GLY B 89 0.39 16.11 4.84
N ARG B 90 -0.37 16.71 3.93
CA ARG B 90 -0.19 16.50 2.50
C ARG B 90 0.93 17.42 2.04
N LYS B 91 1.50 17.09 0.87
CA LYS B 91 2.53 17.93 0.29
C LYS B 91 2.06 19.37 0.16
N TYR B 92 0.90 19.58 -0.48
CA TYR B 92 0.40 20.94 -0.66
C TYR B 92 0.03 21.57 0.68
N MET B 93 -0.43 20.77 1.65
CA MET B 93 -0.70 21.30 2.98
C MET B 93 0.58 21.79 3.65
N ALA B 94 1.66 21.02 3.53
CA ALA B 94 2.94 21.45 4.09
C ALA B 94 3.46 22.70 3.38
N LEU B 95 3.36 22.73 2.05
CA LEU B 95 3.79 23.90 1.29
C LEU B 95 2.94 25.12 1.60
N SER B 96 1.63 24.93 1.77
CA SER B 96 0.74 26.04 2.10
C SER B 96 0.97 26.59 3.50
N ALA B 97 1.75 25.90 4.34
CA ALA B 97 2.12 26.44 5.64
C ALA B 97 3.41 27.23 5.60
N THR B 98 4.34 26.89 4.71
CA THR B 98 5.52 27.72 4.53
C THR B 98 5.17 29.07 3.92
N TYR B 99 4.30 29.07 2.92
CA TYR B 99 3.84 30.30 2.29
C TYR B 99 2.55 30.80 2.96
N TYR B 100 2.35 32.12 2.90
CA TYR B 100 1.10 32.74 3.35
C TYR B 100 0.78 32.49 4.81
N SER B 101 1.80 32.26 5.65
CA SER B 101 1.56 31.98 7.06
C SER B 101 2.42 32.87 7.94
N ARG B 102 1.84 33.28 9.07
CA ARG B 102 2.52 34.14 10.03
C ARG B 102 3.26 33.35 11.10
N ALA B 103 3.62 32.09 10.80
CA ALA B 103 4.39 31.30 11.75
C ALA B 103 5.80 31.84 11.88
N GLU B 104 6.23 32.10 13.11
CA GLU B 104 7.58 32.60 13.33
C GLU B 104 8.62 31.54 13.01
N GLU B 105 8.36 30.29 13.41
CA GLU B 105 9.25 29.18 13.15
C GLU B 105 8.47 28.02 12.55
N ILE B 106 9.05 27.38 11.54
CA ILE B 106 8.47 26.20 10.90
C ILE B 106 9.51 25.09 10.95
N ARG B 107 9.09 23.93 11.44
CA ARG B 107 10.00 22.80 11.61
C ARG B 107 9.36 21.53 11.07
N TYR B 108 10.21 20.54 10.79
CA TYR B 108 9.79 19.28 10.20
C TYR B 108 10.67 18.18 10.76
N VAL B 109 10.06 17.07 11.19
CA VAL B 109 10.81 15.92 11.69
C VAL B 109 11.03 14.97 10.52
N TYR B 110 12.29 14.71 10.20
CA TYR B 110 12.65 13.87 9.07
C TYR B 110 12.97 12.45 9.53
N LEU B 111 12.47 11.47 8.80
CA LEU B 111 12.74 10.07 9.03
C LEU B 111 13.54 9.53 7.85
N LYS B 112 14.47 8.62 8.12
CA LYS B 112 15.36 8.14 7.07
C LYS B 112 14.57 7.53 5.93
N ASP B 113 13.64 6.65 6.24
CA ASP B 113 12.71 6.11 5.25
C ASP B 113 11.29 6.28 5.79
N GLU B 114 10.39 6.72 4.90
CA GLU B 114 9.03 7.06 5.30
C GLU B 114 8.20 5.84 5.70
N ARG B 115 8.61 4.66 5.25
CA ARG B 115 7.79 3.46 5.39
C ARG B 115 7.89 2.80 6.76
N GLU B 116 8.96 3.06 7.51
CA GLU B 116 9.10 2.47 8.83
C GLU B 116 8.18 3.10 9.87
N GLY B 117 7.69 4.31 9.62
CA GLY B 117 6.82 4.99 10.55
C GLY B 117 5.38 4.53 10.49
N TYR B 118 4.45 5.46 10.70
CA TYR B 118 3.00 5.18 10.64
C TYR B 118 2.61 4.09 11.65
N ASN B 119 3.21 4.15 12.84
CA ASN B 119 2.86 3.24 13.93
C ASN B 119 3.03 3.99 15.24
N ILE B 120 2.95 3.27 16.36
CA ILE B 120 2.94 3.92 17.66
C ILE B 120 4.23 4.69 17.89
N PHE B 121 4.15 5.71 18.75
CA PHE B 121 5.29 6.57 19.02
C PHE B 121 6.39 5.80 19.76
N GLY B 122 7.63 6.01 19.33
CA GLY B 122 8.78 5.38 19.94
C GLY B 122 9.19 4.05 19.33
N TYR B 123 8.37 3.46 18.46
CA TYR B 123 8.77 2.22 17.81
C TYR B 123 10.00 2.42 16.94
N VAL B 124 10.04 3.50 16.18
CA VAL B 124 11.23 3.85 15.40
C VAL B 124 12.28 4.41 16.35
N PRO B 125 13.53 3.94 16.28
CA PRO B 125 14.58 4.51 17.14
C PRO B 125 14.75 5.99 16.88
N PHE B 126 14.98 6.74 17.96
CA PHE B 126 15.09 8.19 17.86
C PHE B 126 16.34 8.65 17.12
N GLU B 127 17.28 7.73 16.88
CA GLU B 127 18.45 8.05 16.07
C GLU B 127 18.12 8.15 14.58
N GLN B 128 17.02 7.56 14.15
CA GLN B 128 16.63 7.60 12.75
C GLN B 128 15.72 8.78 12.40
N LEU B 129 15.14 9.44 13.39
CA LEU B 129 14.31 10.61 13.14
C LEU B 129 14.85 11.80 13.90
N LYS B 130 14.90 12.95 13.22
CA LYS B 130 15.41 14.19 13.81
C LYS B 130 14.52 15.33 13.34
N VAL B 131 14.12 16.19 14.26
CA VAL B 131 13.27 17.33 13.93
C VAL B 131 14.15 18.48 13.46
N ILE B 132 13.81 19.04 12.30
CA ILE B 132 14.65 20.01 11.60
C ILE B 132 13.86 21.30 11.43
N ASN B 133 14.47 22.41 11.84
CA ASN B 133 13.94 23.75 11.55
C ASN B 133 14.19 24.04 10.08
N VAL B 134 13.14 23.95 9.26
CA VAL B 134 13.29 24.10 7.82
C VAL B 134 13.77 25.49 7.43
N ARG B 135 13.60 26.48 8.31
CA ARG B 135 14.04 27.83 8.01
C ARG B 135 15.56 27.93 7.93
N ILE B 136 16.26 27.28 8.85
CA ILE B 136 17.72 27.34 8.89
C ILE B 136 18.39 25.98 8.79
N GLY B 137 17.63 24.88 8.84
CA GLY B 137 18.20 23.58 8.56
C GLY B 137 19.14 23.05 9.62
N ASP B 138 18.82 23.25 10.89
CA ASP B 138 19.57 22.66 11.99
C ASP B 138 18.71 21.63 12.72
N GLU B 139 19.38 20.84 13.56
CA GLU B 139 18.72 19.79 14.33
C GLU B 139 18.52 20.28 15.76
N ILE B 140 17.27 20.50 16.13
CA ILE B 140 16.97 20.87 17.52
C ILE B 140 17.00 19.61 18.38
N PRO B 141 17.79 19.58 19.46
CA PRO B 141 17.97 18.34 20.22
C PRO B 141 16.75 18.00 21.06
N TYR B 142 16.77 16.78 21.58
CA TYR B 142 15.70 16.26 22.42
C TYR B 142 16.02 16.48 23.90
N ASP B 143 14.98 16.77 24.67
CA ASP B 143 15.05 16.70 26.13
C ASP B 143 13.72 16.11 26.60
N PRO B 144 13.63 14.79 26.67
CA PRO B 144 12.35 14.13 26.96
C PRO B 144 11.83 14.51 28.33
N PRO B 145 10.64 15.10 28.40
CA PRO B 145 10.06 15.43 29.70
C PRO B 145 9.72 14.18 30.49
N LEU B 146 9.85 14.29 31.81
CA LEU B 146 9.51 13.18 32.69
C LEU B 146 8.01 13.16 32.97
N THR B 147 7.53 12.00 33.40
CA THR B 147 6.12 11.82 33.68
C THR B 147 5.75 12.44 35.03
N GLN B 148 4.55 13.01 35.09
CA GLN B 148 4.03 13.66 36.29
C GLN B 148 2.61 13.17 36.55
N ASN B 149 2.19 13.27 37.83
CA ASN B 149 0.86 12.84 38.24
C ASN B 149 0.63 11.37 37.88
N VAL B 150 1.66 10.56 38.06
CA VAL B 150 1.59 9.15 37.72
C VAL B 150 0.80 8.41 38.81
N ASN B 151 -0.25 7.71 38.39
CA ASN B 151 -1.15 7.05 39.34
C ASN B 151 -0.86 5.56 39.49
N GLU B 152 -0.92 4.81 38.40
CA GLU B 152 -0.77 3.36 38.43
C GLU B 152 0.58 2.96 37.85
N ALA B 153 1.32 2.14 38.59
CA ALA B 153 2.58 1.61 38.06
C ALA B 153 2.32 0.57 36.99
N GLU B 154 1.28 -0.24 37.17
CA GLU B 154 0.98 -1.31 36.23
C GLU B 154 0.36 -0.74 34.95
N SER B 155 0.71 -1.33 33.81
CA SER B 155 0.20 -0.87 32.53
C SER B 155 0.12 -2.05 31.57
N LEU B 156 -0.72 -1.91 30.55
CA LEU B 156 -0.89 -2.92 29.52
C LEU B 156 -0.28 -2.40 28.22
N LEU B 157 0.67 -3.15 27.66
CA LEU B 157 1.35 -2.78 26.44
C LEU B 157 1.37 -3.95 25.47
N ASP B 158 1.31 -3.64 24.18
CA ASP B 158 1.49 -4.65 23.15
C ASP B 158 2.98 -4.80 22.88
N VAL B 159 3.33 -5.57 21.83
CA VAL B 159 4.73 -5.79 21.51
C VAL B 159 5.40 -4.49 21.08
N ASP B 160 4.70 -3.70 20.25
CA ASP B 160 5.29 -2.46 19.75
C ASP B 160 5.54 -1.45 20.87
N SER B 161 4.61 -1.35 21.82
CA SER B 161 4.79 -0.42 22.93
C SER B 161 5.97 -0.81 23.80
N LEU B 162 6.20 -2.11 23.99
CA LEU B 162 7.34 -2.57 24.78
C LEU B 162 8.66 -2.16 24.13
N ARG B 163 8.76 -2.32 22.81
CA ARG B 163 9.95 -1.86 22.10
C ARG B 163 10.06 -0.34 22.14
N ALA B 164 8.92 0.35 22.06
CA ALA B 164 8.94 1.80 22.19
C ALA B 164 9.41 2.22 23.57
N PHE B 165 9.03 1.45 24.59
CA PHE B 165 9.47 1.75 25.96
C PHE B 165 10.99 1.68 26.06
N ILE B 166 11.61 0.69 25.43
CA ILE B 166 13.07 0.55 25.47
C ILE B 166 13.72 1.74 24.76
N ASN B 167 13.21 2.11 23.59
CA ASN B 167 13.82 3.18 22.81
C ASN B 167 13.69 4.52 23.52
N ILE B 168 12.53 4.81 24.11
CA ILE B 168 12.33 6.08 24.80
C ILE B 168 13.25 6.19 26.00
N LEU B 169 13.38 5.11 26.78
CA LEU B 169 14.29 5.11 27.92
C LEU B 169 15.74 5.33 27.49
N GLY B 170 16.09 4.98 26.25
CA GLY B 170 17.44 5.16 25.78
C GLY B 170 17.87 6.61 25.71
N LEU B 171 16.92 7.54 25.58
CA LEU B 171 17.26 8.96 25.55
C LEU B 171 17.85 9.42 26.88
N HIS B 172 17.39 8.85 27.99
CA HIS B 172 17.86 9.29 29.30
C HIS B 172 19.25 8.76 29.64
N GLY B 173 19.63 7.62 29.10
CA GLY B 173 20.93 7.04 29.41
C GLY B 173 20.98 5.58 29.00
N LYS B 174 21.95 4.87 29.57
CA LYS B 174 22.15 3.46 29.26
C LYS B 174 20.99 2.63 29.80
N VAL B 175 20.40 1.80 28.95
CA VAL B 175 19.29 0.94 29.30
C VAL B 175 19.75 -0.50 29.12
N GLU B 176 19.89 -1.23 30.23
CA GLU B 176 20.27 -2.64 30.20
C GLU B 176 19.08 -3.52 30.53
N ILE B 177 19.08 -4.71 29.96
CA ILE B 177 18.02 -5.71 30.16
C ILE B 177 18.64 -6.85 30.97
N ASN B 178 18.39 -6.87 32.27
CA ASN B 178 18.96 -7.86 33.16
C ASN B 178 18.12 -9.14 33.20
N GLY B 179 18.76 -10.24 33.58
CA GLY B 179 18.10 -11.51 33.78
C GLY B 179 17.87 -12.35 32.54
N ILE B 180 18.32 -11.89 31.37
CA ILE B 180 18.02 -12.62 30.13
C ILE B 180 18.75 -13.96 30.09
N ASP B 181 19.97 -14.01 30.63
CA ASP B 181 20.75 -15.24 30.75
C ASP B 181 21.15 -15.82 29.39
N LEU B 182 20.18 -16.42 28.69
CA LEU B 182 20.43 -17.07 27.40
C LEU B 182 21.54 -18.11 27.47
N GLU B 183 22.73 -17.76 26.98
CA GLU B 183 23.88 -18.66 26.90
C GLU B 183 23.54 -19.92 26.12
N ASN B 184 23.21 -21.00 26.83
CA ASN B 184 22.92 -22.32 26.28
C ASN B 184 21.42 -22.57 26.28
N PRO B 185 20.71 -22.18 25.21
CA PRO B 185 19.25 -22.24 25.24
C PRO B 185 18.73 -23.66 25.19
N ASP B 186 17.59 -23.86 25.86
CA ASP B 186 16.87 -25.13 25.83
C ASP B 186 15.89 -25.14 24.65
N GLN B 187 15.00 -26.13 24.64
CA GLN B 187 14.07 -26.27 23.52
C GLN B 187 13.15 -25.05 23.41
N VAL B 188 12.62 -24.58 24.55
CA VAL B 188 11.72 -23.42 24.52
C VAL B 188 12.50 -22.15 24.20
N GLU B 189 13.70 -22.01 24.76
CA GLU B 189 14.49 -20.81 24.49
C GLU B 189 14.92 -20.72 23.03
N GLU B 190 15.15 -21.87 22.38
CA GLU B 190 15.52 -21.85 20.96
C GLU B 190 14.39 -21.27 20.11
N ILE B 191 13.16 -21.74 20.32
CA ILE B 191 12.04 -21.22 19.54
C ILE B 191 11.74 -19.77 19.92
N CYS B 192 12.04 -19.38 21.16
CA CYS B 192 11.90 -17.99 21.55
C CYS B 192 12.85 -17.11 20.75
N LEU B 193 14.08 -17.59 20.54
CA LEU B 193 15.04 -16.86 19.70
C LEU B 193 14.55 -16.78 18.25
N PHE B 194 13.98 -17.87 17.73
CA PHE B 194 13.48 -17.87 16.37
C PHE B 194 12.35 -16.87 16.18
N ARG B 195 11.40 -16.82 17.13
CA ARG B 195 10.30 -15.88 17.01
C ARG B 195 10.78 -14.44 17.08
N SER B 196 11.82 -14.17 17.86
CA SER B 196 12.33 -12.81 17.98
C SER B 196 13.10 -12.39 16.74
N GLY B 197 13.71 -13.34 16.03
CA GLY B 197 14.58 -13.05 14.92
C GLY B 197 16.06 -13.17 15.23
N LYS B 198 16.43 -13.37 16.49
CA LYS B 198 17.84 -13.61 16.81
C LYS B 198 18.36 -14.87 16.14
N TYR B 199 17.51 -15.88 16.03
CA TYR B 199 17.78 -17.06 15.23
C TYR B 199 16.85 -17.06 14.04
N LYS B 200 17.38 -17.39 12.86
CA LYS B 200 16.58 -17.53 11.67
C LYS B 200 16.97 -18.82 10.93
N TYR B 201 16.10 -19.21 10.00
CA TYR B 201 16.36 -20.34 9.12
C TYR B 201 16.81 -19.83 7.76
N GLU B 202 17.79 -20.51 7.17
CA GLU B 202 18.27 -20.12 5.85
C GLU B 202 17.16 -20.23 4.81
N GLU B 203 16.18 -21.11 5.05
CA GLU B 203 15.08 -21.30 4.12
C GLU B 203 13.99 -20.25 4.26
N GLU B 204 14.10 -19.35 5.23
CA GLU B 204 13.17 -18.22 5.29
C GLU B 204 13.27 -17.37 4.03
N LYS B 205 14.43 -17.35 3.38
CA LYS B 205 14.59 -16.66 2.11
C LYS B 205 13.71 -17.28 1.03
N ASP B 206 13.49 -18.59 1.09
CA ASP B 206 12.61 -19.26 0.13
C ASP B 206 11.18 -18.75 0.28
N ILE B 207 10.74 -18.47 1.51
CA ILE B 207 9.41 -17.92 1.73
C ILE B 207 9.28 -16.56 1.05
N ILE B 208 10.32 -15.72 1.18
CA ILE B 208 10.29 -14.41 0.53
C ILE B 208 10.22 -14.57 -0.98
N LYS B 209 11.03 -15.47 -1.54
CA LYS B 209 11.04 -15.67 -2.99
C LYS B 209 9.70 -16.19 -3.49
N GLU B 210 9.12 -17.17 -2.78
CA GLU B 210 7.82 -17.69 -3.17
C GLU B 210 6.73 -16.64 -3.00
N ALA B 211 6.85 -15.79 -1.97
CA ALA B 211 5.91 -14.71 -1.79
C ALA B 211 5.99 -13.71 -2.94
N GLU B 212 7.20 -13.48 -3.47
CA GLU B 212 7.36 -12.60 -4.62
C GLU B 212 6.74 -13.18 -5.87
N ARG B 213 6.72 -14.50 -6.00
CA ARG B 213 6.10 -15.15 -7.15
C ARG B 213 4.59 -15.25 -7.04
N GLY B 214 4.01 -14.89 -5.90
CA GLY B 214 2.57 -14.91 -5.74
C GLY B 214 1.98 -16.30 -5.59
N SER B 215 2.41 -17.02 -4.56
CA SER B 215 1.99 -18.40 -4.34
C SER B 215 1.32 -18.55 -2.98
N LEU B 216 0.34 -19.44 -2.91
CA LEU B 216 -0.31 -19.73 -1.64
C LEU B 216 0.64 -20.46 -0.70
N PHE B 217 0.47 -20.21 0.59
CA PHE B 217 1.29 -20.82 1.63
C PHE B 217 0.39 -21.55 2.63
N LEU B 218 0.85 -22.72 3.06
CA LEU B 218 0.25 -23.43 4.19
C LEU B 218 1.37 -23.73 5.18
N ALA B 219 1.18 -23.28 6.42
CA ALA B 219 2.23 -23.36 7.44
C ALA B 219 1.87 -24.40 8.49
N ASP B 220 2.87 -25.16 8.91
CA ASP B 220 2.70 -26.20 9.90
C ASP B 220 2.58 -25.60 11.30
N THR B 221 2.22 -26.46 12.26
CA THR B 221 2.06 -26.01 13.64
C THR B 221 3.38 -25.46 14.19
N ASN B 222 4.49 -26.15 13.92
CA ASN B 222 5.78 -25.69 14.39
C ASN B 222 6.18 -24.36 13.77
N VAL B 223 5.67 -24.05 12.57
CA VAL B 223 5.98 -22.78 11.93
C VAL B 223 5.43 -21.61 12.74
N TYR B 224 4.19 -21.74 13.21
CA TYR B 224 3.58 -20.67 14.00
C TYR B 224 4.24 -20.53 15.37
N ILE B 225 4.68 -21.65 15.96
CA ILE B 225 5.29 -21.57 17.28
C ILE B 225 6.76 -21.13 17.22
N ARG B 226 7.39 -21.20 16.05
CA ARG B 226 8.79 -20.83 15.91
C ARG B 226 9.02 -19.54 15.13
N LEU B 227 8.25 -19.29 14.07
CA LEU B 227 8.39 -18.03 13.35
C LEU B 227 7.49 -16.93 13.91
N GLY B 228 6.33 -17.29 14.46
CA GLY B 228 5.50 -16.31 15.12
C GLY B 228 4.97 -15.26 14.16
N ASN B 229 4.90 -14.02 14.64
CA ASN B 229 4.38 -12.92 13.83
C ASN B 229 5.33 -12.50 12.72
N ARG B 230 6.56 -13.03 12.71
CA ARG B 230 7.46 -12.80 11.59
C ARG B 230 6.96 -13.43 10.30
N LEU B 231 5.98 -14.34 10.39
CA LEU B 231 5.37 -14.89 9.19
C LEU B 231 4.68 -13.81 8.36
N ARG B 232 4.14 -12.78 9.02
CA ARG B 232 3.50 -11.68 8.29
C ARG B 232 4.51 -10.97 7.40
N SER B 233 5.68 -10.62 7.94
CA SER B 233 6.69 -9.93 7.14
C SER B 233 7.27 -10.84 6.08
N LEU B 234 7.42 -12.13 6.37
CA LEU B 234 8.00 -13.06 5.42
C LEU B 234 7.07 -13.31 4.23
N VAL B 235 5.76 -13.35 4.47
CA VAL B 235 4.81 -13.69 3.42
C VAL B 235 4.30 -12.46 2.68
N TYR B 236 4.06 -11.35 3.39
CA TYR B 236 3.42 -10.20 2.78
C TYR B 236 4.28 -9.58 1.69
N ASN B 237 3.67 -9.28 0.56
CA ASN B 237 4.28 -8.51 -0.51
C ASN B 237 3.25 -7.53 -1.05
N ARG B 238 3.73 -6.41 -1.59
CA ARG B 238 2.83 -5.34 -2.02
C ARG B 238 1.97 -5.77 -3.20
N LYS B 239 2.56 -6.48 -4.16
CA LYS B 239 1.82 -6.82 -5.38
C LYS B 239 0.66 -7.77 -5.08
N TYR B 240 0.92 -8.83 -4.33
CA TYR B 240 -0.07 -9.89 -4.14
C TYR B 240 -0.78 -9.83 -2.79
N GLY B 241 -0.10 -9.35 -1.75
CA GLY B 241 -0.71 -9.25 -0.43
C GLY B 241 -0.29 -10.37 0.50
N PHE B 242 -1.13 -10.69 1.47
CA PHE B 242 -0.86 -11.74 2.44
C PHE B 242 -1.58 -13.00 1.98
N ARG B 243 -0.84 -13.92 1.38
CA ARG B 243 -1.39 -15.12 0.76
C ARG B 243 -1.08 -16.37 1.58
N LEU B 244 -1.12 -16.24 2.90
CA LEU B 244 -0.95 -17.37 3.81
C LEU B 244 -2.33 -17.86 4.21
N LEU B 245 -2.68 -19.06 3.75
CA LEU B 245 -3.97 -19.64 4.11
C LEU B 245 -3.95 -20.16 5.54
N SER B 246 -5.14 -20.28 6.13
CA SER B 246 -5.28 -20.69 7.52
C SER B 246 -5.52 -22.19 7.56
N SER B 247 -4.48 -22.95 7.88
CA SER B 247 -4.59 -24.41 7.89
C SER B 247 -5.52 -24.86 9.01
N LYS B 248 -6.46 -25.74 8.66
CA LYS B 248 -7.36 -26.29 9.67
C LYS B 248 -6.64 -27.26 10.59
N ASN B 249 -5.78 -28.12 10.04
CA ASN B 249 -5.06 -29.09 10.86
C ASN B 249 -4.12 -28.39 11.84
N THR B 250 -3.46 -27.33 11.38
CA THR B 250 -2.59 -26.56 12.28
C THR B 250 -3.39 -25.92 13.41
N PHE B 251 -4.55 -25.35 13.09
CA PHE B 251 -5.41 -24.78 14.11
C PHE B 251 -5.90 -25.85 15.07
N ASN B 252 -6.23 -27.04 14.55
CA ASN B 252 -6.72 -28.11 15.41
C ASN B 252 -5.65 -28.55 16.41
N GLU B 253 -4.41 -28.70 15.95
CA GLU B 253 -3.32 -29.11 16.85
C GLU B 253 -3.06 -28.03 17.89
N LEU B 254 -3.05 -26.76 17.49
CA LEU B 254 -2.86 -25.68 18.45
C LEU B 254 -4.01 -25.61 19.44
N TYR B 255 -5.25 -25.81 18.96
CA TYR B 255 -6.41 -25.73 19.84
C TYR B 255 -6.41 -26.85 20.87
N ASN B 256 -5.96 -28.05 20.48
CA ASN B 256 -5.97 -29.17 21.41
C ASN B 256 -5.06 -28.91 22.61
N HIS B 257 -3.88 -28.33 22.38
CA HIS B 257 -2.98 -28.02 23.48
C HIS B 257 -3.32 -26.72 24.18
N THR B 258 -4.22 -25.91 23.64
CA THR B 258 -4.61 -24.66 24.28
C THR B 258 -5.75 -24.86 25.28
N ALA B 259 -6.78 -25.59 24.87
CA ALA B 259 -7.89 -25.90 25.76
C ALA B 259 -7.51 -27.06 26.66
N GLN B 260 -7.59 -26.85 27.98
CA GLN B 260 -7.18 -27.88 28.93
C GLN B 260 -8.05 -29.13 28.82
N LYS B 264 -1.59 -26.83 34.80
CA LYS B 264 -0.81 -27.79 34.02
C LYS B 264 -0.12 -27.11 32.84
N ILE B 265 0.40 -25.91 33.07
CA ILE B 265 1.09 -25.14 32.01
C ILE B 265 2.56 -25.53 32.10
N ASP B 266 2.93 -26.57 31.35
CA ASP B 266 4.32 -27.01 31.27
C ASP B 266 5.04 -26.21 30.20
N GLU B 267 6.34 -26.43 30.06
CA GLU B 267 7.11 -25.79 28.99
C GLU B 267 6.61 -26.22 27.62
N ASN B 268 6.07 -27.44 27.53
CA ASN B 268 5.48 -27.90 26.28
C ASN B 268 4.26 -27.07 25.90
N LYS B 269 3.40 -26.79 26.88
CA LYS B 269 2.17 -26.03 26.61
C LYS B 269 2.49 -24.60 26.19
N VAL B 270 3.59 -24.03 26.69
CA VAL B 270 3.95 -22.65 26.36
C VAL B 270 4.19 -22.50 24.87
N LYS B 271 4.79 -23.53 24.25
CA LYS B 271 5.06 -23.47 22.81
C LYS B 271 3.77 -23.32 22.01
N PHE B 272 2.73 -24.09 22.39
CA PHE B 272 1.49 -24.08 21.63
C PHE B 272 0.72 -22.78 21.87
N ILE B 273 0.75 -22.26 23.10
CA ILE B 273 0.09 -20.99 23.37
C ILE B 273 0.73 -19.87 22.55
N LEU B 274 2.05 -19.88 22.44
CA LEU B 274 2.73 -18.87 21.65
C LEU B 274 2.35 -18.98 20.17
N GLY B 275 2.30 -20.21 19.65
CA GLY B 275 1.85 -20.39 18.28
C GLY B 275 0.40 -20.04 18.09
N MET B 276 -0.44 -20.31 19.08
CA MET B 276 -1.86 -19.97 18.98
C MET B 276 -2.05 -18.47 18.90
N LEU B 277 -1.30 -17.70 19.72
CA LEU B 277 -1.39 -16.25 19.64
C LEU B 277 -0.98 -15.73 18.26
N SER B 278 0.09 -16.29 17.71
CA SER B 278 0.51 -15.90 16.37
C SER B 278 -0.51 -16.32 15.31
N TYR B 279 -1.05 -17.54 15.44
CA TYR B 279 -2.06 -18.02 14.50
C TYR B 279 -3.29 -17.12 14.50
N ARG B 280 -3.73 -16.72 15.69
CA ARG B 280 -4.89 -15.87 15.85
C ARG B 280 -4.64 -14.47 15.29
N SER B 281 -3.41 -13.96 15.46
CA SER B 281 -3.07 -12.62 15.00
C SER B 281 -2.89 -12.55 13.50
N LEU B 282 -2.30 -13.60 12.89
CA LEU B 282 -1.94 -13.55 11.48
C LEU B 282 -3.18 -13.58 10.60
N HIS B 283 -3.95 -14.66 10.68
CA HIS B 283 -5.12 -14.87 9.85
C HIS B 283 -6.24 -15.38 10.74
N VAL B 284 -7.32 -15.85 10.11
CA VAL B 284 -8.58 -16.11 10.81
C VAL B 284 -8.99 -14.84 11.56
N PRO B 285 -9.38 -13.79 10.87
CA PRO B 285 -9.79 -12.55 11.55
C PRO B 285 -10.97 -12.76 12.48
N PRO B 286 -11.98 -13.59 12.11
CA PRO B 286 -12.96 -13.79 13.18
C PRO B 286 -12.43 -14.65 14.34
N ARG B 292 -15.32 -23.68 13.98
CA ARG B 292 -15.10 -24.69 12.96
C ARG B 292 -13.92 -25.59 13.30
N SER B 293 -13.87 -26.04 14.55
CA SER B 293 -12.82 -26.96 15.01
C SER B 293 -13.12 -28.40 14.61
N SER B 294 -13.25 -28.61 13.30
CA SER B 294 -13.57 -29.91 12.75
C SER B 294 -12.29 -30.69 12.43
N GLY B 295 -12.47 -31.98 12.16
CA GLY B 295 -11.33 -32.82 11.83
C GLY B 295 -10.78 -32.54 10.45
N ASP B 296 -9.55 -32.95 10.22
CA ASP B 296 -8.88 -32.73 8.95
C ASP B 296 -7.90 -33.86 8.70
N MET B 297 -7.58 -34.08 7.41
CA MET B 297 -6.71 -35.18 7.01
C MET B 297 -5.22 -34.85 7.09
N GLY B 298 -4.83 -33.63 7.43
CA GLY B 298 -3.44 -33.29 7.63
C GLY B 298 -2.99 -32.15 6.74
N LEU B 299 -1.81 -31.63 7.09
CA LEU B 299 -1.23 -30.51 6.35
C LEU B 299 -0.89 -30.90 4.91
N ILE B 300 -0.34 -32.10 4.71
CA ILE B 300 -0.01 -32.54 3.36
C ILE B 300 -1.26 -32.72 2.52
N ASN B 301 -2.29 -33.37 3.09
CA ASN B 301 -3.50 -33.65 2.32
C ASN B 301 -4.20 -32.37 1.89
N GLU B 302 -4.30 -31.38 2.79
CA GLU B 302 -4.99 -30.15 2.45
C GLU B 302 -4.23 -29.36 1.39
N ALA B 303 -2.89 -29.40 1.40
CA ALA B 303 -2.13 -28.79 0.32
C ALA B 303 -2.40 -29.51 -1.00
N LEU B 304 -2.47 -30.84 -0.97
CA LEU B 304 -2.78 -31.60 -2.16
C LEU B 304 -4.18 -31.29 -2.68
N GLU B 305 -5.17 -31.19 -1.77
CA GLU B 305 -6.53 -30.90 -2.19
C GLU B 305 -6.63 -29.54 -2.87
N ILE B 306 -5.99 -28.52 -2.28
CA ILE B 306 -6.02 -27.18 -2.86
C ILE B 306 -5.24 -27.14 -4.16
N LYS B 307 -4.13 -27.88 -4.25
CA LYS B 307 -3.29 -27.84 -5.43
C LYS B 307 -4.06 -28.31 -6.67
N LYS B 308 -4.84 -29.39 -6.54
CA LYS B 308 -5.58 -29.92 -7.68
C LYS B 308 -6.85 -29.13 -8.00
N ASN B 309 -7.22 -28.16 -7.17
CA ASN B 309 -8.46 -27.42 -7.35
C ASN B 309 -8.26 -25.96 -7.76
N VAL B 310 -7.05 -25.41 -7.61
CA VAL B 310 -6.79 -24.02 -7.96
C VAL B 310 -5.59 -23.95 -8.91
N GLU B 311 -5.49 -22.83 -9.62
CA GLU B 311 -4.33 -22.57 -10.48
C GLU B 311 -3.22 -21.82 -9.77
N ASP B 312 -3.42 -21.46 -8.50
CA ASP B 312 -2.35 -20.86 -7.74
C ASP B 312 -1.31 -21.91 -7.39
N ASN B 313 -0.08 -21.44 -7.11
CA ASN B 313 1.01 -22.32 -6.70
C ASN B 313 0.92 -22.53 -5.20
N VAL B 314 0.72 -23.78 -4.78
CA VAL B 314 0.59 -24.12 -3.37
C VAL B 314 1.97 -24.48 -2.82
N VAL B 315 2.37 -23.81 -1.74
CA VAL B 315 3.64 -24.03 -1.08
C VAL B 315 3.37 -24.41 0.38
N LEU B 316 4.00 -25.49 0.83
CA LEU B 316 3.85 -25.98 2.19
C LEU B 316 5.08 -25.62 2.99
N ILE B 317 4.89 -24.94 4.12
CA ILE B 317 5.96 -24.55 5.02
C ILE B 317 5.89 -25.40 6.27
N THR B 318 7.01 -26.00 6.66
CA THR B 318 7.06 -26.83 7.85
C THR B 318 8.47 -26.84 8.42
N ALA B 319 8.56 -27.04 9.72
CA ALA B 319 9.83 -27.32 10.39
C ALA B 319 10.02 -28.80 10.69
N ASP B 320 9.01 -29.63 10.41
CA ASP B 320 9.11 -31.07 10.57
C ASP B 320 9.75 -31.65 9.32
N LYS B 321 10.99 -32.13 9.44
CA LYS B 321 11.70 -32.66 8.29
C LYS B 321 10.98 -33.88 7.71
N ALA B 322 10.48 -34.76 8.58
CA ALA B 322 9.76 -35.93 8.10
C ALA B 322 8.51 -35.54 7.33
N LEU B 323 7.75 -34.57 7.85
CA LEU B 323 6.57 -34.09 7.12
C LEU B 323 6.98 -33.41 5.82
N GLY B 324 8.03 -32.60 5.85
CA GLY B 324 8.46 -31.91 4.63
C GLY B 324 8.94 -32.86 3.55
N LEU B 325 9.70 -33.88 3.95
CA LEU B 325 10.17 -34.87 2.97
C LEU B 325 9.00 -35.62 2.35
N THR B 326 8.01 -35.98 3.18
CA THR B 326 6.82 -36.65 2.65
C THR B 326 6.05 -35.74 1.71
N ALA B 327 5.94 -34.45 2.05
CA ALA B 327 5.27 -33.50 1.18
C ALA B 327 5.98 -33.37 -0.17
N GLN B 328 7.31 -33.33 -0.14
CA GLN B 328 8.06 -33.30 -1.41
C GLN B 328 7.87 -34.60 -2.18
N SER B 329 7.75 -35.73 -1.47
CA SER B 329 7.55 -37.01 -2.14
C SER B 329 6.23 -37.08 -2.89
N LYS B 330 5.25 -36.27 -2.49
CA LYS B 330 3.96 -36.21 -3.17
C LYS B 330 3.92 -35.17 -4.28
N GLY B 331 5.03 -34.47 -4.54
CA GLY B 331 5.10 -33.47 -5.57
C GLY B 331 4.92 -32.04 -5.08
N LEU B 332 4.52 -31.86 -3.82
CA LEU B 332 4.32 -30.52 -3.27
C LEU B 332 5.64 -29.79 -3.16
N ARG B 333 5.61 -28.49 -3.46
CA ARG B 333 6.76 -27.62 -3.22
C ARG B 333 6.80 -27.27 -1.74
N THR B 334 7.81 -27.76 -1.04
CA THR B 334 7.89 -27.64 0.41
C THR B 334 9.10 -26.82 0.81
N ILE B 335 8.91 -25.90 1.74
CA ILE B 335 10.01 -25.16 2.34
C ILE B 335 10.23 -25.76 3.73
N ILE B 336 11.37 -26.40 3.92
CA ILE B 336 11.69 -27.10 5.16
C ILE B 336 12.72 -26.27 5.92
N LEU B 337 12.33 -25.78 7.10
CA LEU B 337 13.22 -24.95 7.91
C LEU B 337 14.15 -25.88 8.66
N SER B 338 15.37 -26.06 8.13
CA SER B 338 16.36 -26.94 8.74
C SER B 338 17.61 -26.20 9.18
N LYS B 339 18.26 -25.47 8.29
CA LYS B 339 19.51 -24.81 8.62
C LYS B 339 19.23 -23.57 9.47
N VAL B 340 20.01 -23.39 10.53
CA VAL B 340 19.81 -22.31 11.49
C VAL B 340 20.94 -21.30 11.34
N ARG B 341 20.57 -20.02 11.25
CA ARG B 341 21.51 -18.91 11.15
C ARG B 341 21.47 -18.10 12.44
N LYS B 342 22.65 -17.79 12.98
CA LYS B 342 22.76 -16.89 14.11
C LYS B 342 23.37 -15.57 13.67
N GLU B 343 23.25 -14.56 14.53
CA GLU B 343 23.78 -13.20 14.29
C GLU B 343 23.18 -12.59 13.02
N ILE B 344 21.87 -12.34 13.08
CA ILE B 344 21.16 -11.75 11.95
C ILE B 344 21.21 -10.23 11.96
N GLY B 345 21.73 -9.63 13.02
CA GLY B 345 21.82 -8.18 13.05
C GLY B 345 20.62 -7.56 13.71
N GLU B 346 19.50 -7.50 12.98
CA GLU B 346 18.31 -6.80 13.44
C GLU B 346 17.21 -7.79 13.80
N TRP B 347 16.58 -7.58 14.95
CA TRP B 347 15.47 -8.40 15.42
C TRP B 347 14.56 -7.55 16.30
N ASP B 348 13.38 -8.09 16.58
CA ASP B 348 12.40 -7.43 17.45
C ASP B 348 12.69 -7.81 18.89
N ILE B 349 13.19 -6.86 19.68
CA ILE B 349 13.44 -7.12 21.10
C ILE B 349 12.13 -7.34 21.85
N GLY B 350 11.06 -6.67 21.42
CA GLY B 350 9.78 -6.83 22.10
C GLY B 350 9.25 -8.25 22.02
N GLU B 351 9.39 -8.89 20.86
CA GLU B 351 8.95 -10.28 20.73
C GLU B 351 9.78 -11.21 21.61
N LEU B 352 11.09 -10.94 21.71
CA LEU B 352 11.94 -11.74 22.59
C LEU B 352 11.50 -11.63 24.04
N LEU B 353 11.26 -10.40 24.50
CA LEU B 353 10.83 -10.20 25.88
C LEU B 353 9.46 -10.81 26.13
N PHE B 354 8.57 -10.73 25.14
CA PHE B 354 7.24 -11.33 25.29
C PHE B 354 7.35 -12.84 25.45
N CYS B 355 8.18 -13.49 24.65
CA CYS B 355 8.38 -14.94 24.80
C CYS B 355 9.09 -15.28 26.10
N LEU B 356 10.16 -14.55 26.42
CA LEU B 356 10.92 -14.87 27.64
C LEU B 356 10.11 -14.59 28.89
N SER B 357 9.28 -13.55 28.88
CA SER B 357 8.41 -13.29 30.04
C SER B 357 7.45 -14.46 30.26
N PHE B 358 6.89 -14.99 29.17
CA PHE B 358 5.99 -16.12 29.27
C PHE B 358 6.74 -17.37 29.72
N TYR B 359 7.96 -17.55 29.20
CA TYR B 359 8.76 -18.72 29.53
C TYR B 359 9.26 -18.69 30.96
N ASN B 360 9.62 -17.51 31.47
CA ASN B 360 10.15 -17.42 32.83
C ASN B 360 9.10 -17.81 33.87
N ASP B 361 7.84 -17.47 33.61
CA ASP B 361 6.76 -17.78 34.54
C ASP B 361 6.47 -19.26 34.69
N TYR B 362 7.00 -20.12 33.81
CA TYR B 362 6.72 -21.55 33.89
C TYR B 362 7.99 -22.39 33.80
N ARG B 363 9.12 -21.84 34.25
CA ARG B 363 10.37 -22.60 34.27
C ARG B 363 10.30 -23.75 35.26
N ARG B 368 12.49 -16.08 38.06
CA ARG B 368 13.46 -15.09 37.61
C ARG B 368 12.76 -13.83 37.10
N MET B 369 12.76 -12.78 37.93
CA MET B 369 12.11 -11.53 37.56
C MET B 369 13.10 -10.74 36.70
N ILE B 370 12.93 -10.82 35.39
CA ILE B 370 13.79 -10.06 34.48
C ILE B 370 13.25 -8.64 34.41
N GLU B 371 14.16 -7.67 34.48
CA GLU B 371 13.78 -6.27 34.58
C GLU B 371 14.56 -5.44 33.57
N ILE B 372 14.12 -4.19 33.42
CA ILE B 372 14.74 -3.21 32.55
C ILE B 372 15.45 -2.21 33.45
N SER B 373 16.76 -2.04 33.26
CA SER B 373 17.56 -1.20 34.12
C SER B 373 18.09 -0.01 33.33
N LEU B 374 18.09 1.16 33.97
CA LEU B 374 18.58 2.40 33.37
C LEU B 374 19.68 2.95 34.27
N ASN B 375 20.88 3.12 33.71
CA ASN B 375 22.04 3.63 34.43
C ASN B 375 22.37 2.79 35.65
N GLY B 376 22.16 1.47 35.55
CA GLY B 376 22.46 0.55 36.62
C GLY B 376 21.39 0.46 37.70
N SER B 377 20.26 1.14 37.54
CA SER B 377 19.16 1.10 38.50
C SER B 377 17.91 0.58 37.83
N LYS B 378 17.23 -0.35 38.49
CA LYS B 378 16.00 -0.91 37.95
C LYS B 378 14.92 0.15 37.84
N ILE B 379 14.20 0.14 36.72
CA ILE B 379 13.15 1.10 36.43
C ILE B 379 11.79 0.43 36.29
N ALA B 380 11.73 -0.70 35.59
CA ALA B 380 10.46 -1.36 35.35
C ALA B 380 10.67 -2.87 35.35
N GLU B 381 9.59 -3.59 35.65
CA GLU B 381 9.58 -5.05 35.61
C GLU B 381 8.31 -5.51 34.91
N LEU B 382 8.40 -6.63 34.22
CA LEU B 382 7.30 -7.10 33.38
C LEU B 382 6.99 -8.56 33.63
N HIS B 383 5.74 -8.92 33.38
CA HIS B 383 5.22 -10.28 33.49
C HIS B 383 4.27 -10.56 32.34
N SER B 384 3.94 -11.83 32.19
CA SER B 384 3.09 -12.31 31.10
C SER B 384 1.67 -12.46 31.59
N TYR B 385 0.73 -11.86 30.86
CA TYR B 385 -0.70 -11.93 31.19
C TYR B 385 -1.45 -12.12 29.89
N TYR B 386 -2.07 -13.28 29.71
CA TYR B 386 -2.77 -13.62 28.49
C TYR B 386 -4.24 -13.90 28.81
N HIS B 387 -5.11 -13.44 27.92
CA HIS B 387 -6.55 -13.70 28.04
C HIS B 387 -7.13 -13.55 26.65
N LEU B 388 -7.62 -14.65 26.09
CA LEU B 388 -8.18 -14.70 24.74
C LEU B 388 -7.07 -14.32 23.74
N GLN B 389 -7.44 -13.72 22.62
CA GLN B 389 -6.50 -13.40 21.55
C GLN B 389 -5.89 -12.02 21.79
N GLU B 390 -5.10 -11.93 22.87
CA GLU B 390 -4.47 -10.67 23.26
C GLU B 390 -3.00 -10.91 23.57
N ARG B 391 -2.12 -10.32 22.77
CA ARG B 391 -0.68 -10.42 22.99
C ARG B 391 -0.18 -9.20 23.76
N ARG B 392 -0.61 -9.14 25.03
CA ARG B 392 -0.36 -7.99 25.89
C ARG B 392 0.54 -8.39 27.05
N VAL B 393 1.47 -7.50 27.41
CA VAL B 393 2.41 -7.71 28.51
C VAL B 393 2.21 -6.60 29.54
N LYS B 394 2.09 -7.00 30.81
CA LYS B 394 1.93 -6.05 31.90
C LYS B 394 3.30 -5.68 32.47
N VAL B 395 3.65 -4.40 32.38
CA VAL B 395 4.92 -3.88 32.86
C VAL B 395 4.64 -2.92 34.01
N ARG B 396 5.32 -3.12 35.13
CA ARG B 396 5.17 -2.30 36.32
C ARG B 396 6.42 -1.45 36.50
N VAL B 397 6.25 -0.14 36.58
CA VAL B 397 7.35 0.80 36.65
C VAL B 397 7.60 1.17 38.12
N VAL B 398 8.83 0.93 38.60
CA VAL B 398 9.19 1.24 39.97
C VAL B 398 9.73 2.66 40.12
N ASP B 399 9.79 3.43 39.03
CA ASP B 399 10.29 4.81 39.07
C ASP B 399 9.17 5.74 38.57
N LYS B 400 8.70 6.61 39.47
CA LYS B 400 7.57 7.47 39.15
C LYS B 400 7.89 8.51 38.08
N ARG B 401 9.16 8.80 37.82
CA ARG B 401 9.52 9.81 36.84
C ARG B 401 9.56 9.27 35.41
N TYR B 402 9.50 7.96 35.21
CA TYR B 402 9.62 7.38 33.87
C TYR B 402 8.46 6.43 33.58
N ASN B 403 7.25 6.80 33.98
CA ASN B 403 6.07 5.97 33.76
C ASN B 403 5.44 6.28 32.40
N TYR B 404 6.24 6.12 31.35
CA TYR B 404 5.81 6.30 29.97
C TYR B 404 4.80 5.26 29.49
N PRO B 405 4.83 4.00 29.97
CA PRO B 405 3.80 3.04 29.52
C PRO B 405 2.37 3.48 29.76
N LYS B 406 2.12 4.32 30.76
CA LYS B 406 0.77 4.86 30.95
C LYS B 406 0.34 5.72 29.76
N ILE B 407 1.25 6.54 29.24
CA ILE B 407 0.94 7.30 28.03
C ILE B 407 0.78 6.37 26.85
N LEU B 408 1.66 5.36 26.74
CA LEU B 408 1.56 4.40 25.64
C LEU B 408 0.24 3.64 25.67
N GLU B 409 -0.29 3.39 26.87
CA GLU B 409 -1.61 2.76 26.97
C GLU B 409 -2.68 3.64 26.36
N ILE B 410 -2.64 4.95 26.62
CA ILE B 410 -3.61 5.87 26.03
C ILE B 410 -3.45 5.92 24.52
N LEU B 411 -2.20 5.97 24.05
CA LEU B 411 -1.95 6.01 22.60
C LEU B 411 -2.44 4.73 21.93
N SER B 412 -2.25 3.59 22.58
CA SER B 412 -2.71 2.32 22.01
C SER B 412 -4.22 2.31 21.82
N GLU B 413 -4.96 2.87 22.80
CA GLU B 413 -6.40 3.00 22.65
C GLU B 413 -6.75 3.92 21.49
N ILE B 414 -6.00 5.01 21.34
CA ILE B 414 -6.25 5.95 20.24
C ILE B 414 -6.00 5.29 18.89
N LEU B 415 -4.89 4.56 18.78
CA LEU B 415 -4.57 3.89 17.51
C LEU B 415 -5.55 2.77 17.20
N ALA B 416 -5.97 2.02 18.23
CA ALA B 416 -6.93 0.94 18.02
C ALA B 416 -8.26 1.47 17.52
N THR B 417 -8.73 2.59 18.06
CA THR B 417 -10.00 3.16 17.62
C THR B 417 -9.92 3.59 16.16
N ALA B 418 -8.80 4.18 15.74
CA ALA B 418 -8.64 4.63 14.37
C ALA B 418 -8.64 3.45 13.40
#